data_8ILV
#
_entry.id   8ILV
#
_cell.length_a   1.00
_cell.length_b   1.00
_cell.length_c   1.00
_cell.angle_alpha   90.00
_cell.angle_beta   90.00
_cell.angle_gamma   90.00
#
_symmetry.space_group_name_H-M   'P 1'
#
loop_
_entity.id
_entity.type
_entity.pdbx_description
1 polymer 'Phosphatidylinositol 4,5-bisphosphate 3-kinase catalytic subunit alpha isoform'
2 polymer 'Phosphatidylinositol 3-kinase regulatory subunit alpha'
3 non-polymer N-[(2R)-1-(ethylamino)-1-oxidanylidene-3-[3-(2-quinoxalin-6-ylethynyl)phenyl]propan-2-yl]-2,3-dimethyl-quinoxaline-6-carboxamide
4 water water
#
loop_
_entity_poly.entity_id
_entity_poly.type
_entity_poly.pdbx_seq_one_letter_code
_entity_poly.pdbx_strand_id
1 'polypeptide(L)'
;MSYYHHHHHHDYDIPTTENLYFQGAMGSMPPRPSSGELWGIHLMPPRILVECLLPNGMIVTLECLREATLITIKHELFKE
ARKYPLHQLLQDESSYIFVSVTQEAEREEFFDETRRLCDLRLFQPFLKVIEPVGNREEKILNREIGFAIGMPVCEFDMVK
DPEVQDFRRNILNVCKEAVDLRDLNSPHSRAMYVYPPNVESSPELPKHIYNKLDKGQIIVVIWVIVSPNNDKQKYTLKIN
HDCVPEQVIAEAIRKKTRSMLLSSEQLKLCVLEYQGKYILKVCGCDEYFLEKYPLSQYKYIRSCIMLGRMPNLMLMAKES
LYSQLPMDCFTMPSYSRRISTATPYMNGETSTKSLWVINSALRIKILCATYVNVNIRDIDKIYVRTGIYHGGEPLCDNVN
TQRVPCSNPRWNEWLNYDIYIPDLPRAARLCLSICSVKGRKGAKEEHCPLAWGNINLFDYTDTLVSGKMALNLWPVPHGL
EDLLNPIGVTGSNPNKETPCLELEFDWFSSVVKFPDMSVIEEHANWSVSREAGFSYSHAGLSNRLARDNELRENDKEQLK
AISTRDPLSEITEQEKDFLWSHRHYCVTIPEILPKLLLSVKWNSRDEVAQMYCLVKDWPPIKPEQAMELLDCNYPDPMVR
GFAVRCLEKYLTDDKLSQYLIQLVQVLKYEQYLDNLLVRFLLKKALTNQRIGHFFFWHLKSEMHNKTVSQRFGLLLESYC
RACGMYLKHLNRQVEAMEKLINLTDILKQEKKDETQKVQMKFLVEQMRRPDFMDALQGFLSPLNPAHQLGNLRLEECRIM
SSAKRPLWLNWENPDIMSELLFQNNEIIFKNGDDLRQDMLTLQIIRIMENIWQNQGLDLRMLPYGCLSIGDCVGLIEVVR
NSHTIMQIQCKGGLKGALQFNSHTLHQWLKDKNKGEIYDAAIDLFTRSCAGYCVATFILGIGDRHNSNIMVKDDGQLFHI
DFGHFLDHKKKKFGYKRERVPFVLTQDFLIVISKGAQECTKTREFERFQEMCYKAYLAIRQHANLFINLFSMMLGSGMPE
LQSFDDIAYIRKTLALDKTEQEALEYFMKQMNDAHHGGWTTKMDWIFHTIKQHALN
;
A
2 'polypeptide(L)'
;MAEGYQYRALYDYKKEREEDIDLHLGDILTVNKGSLVALGFSDGQEARPEEIGWLNGYNETTGERGDFPGTYVEYIGRKK
ISPPTPKPRPPRPLPVAPGSSKTEADVEQQALTLPDLAEQFAPPDIAPPLLIKLVEAIEKKGLECSTLYRTQSSSNLAEL
RQLLDCDTPSVDLEMIDVHVLADAFKRYLLDLPNPVIPAAVYSEMISLAPEVQSSEEYIQLLKKLIRSPSIPHQYWLTLQ
YLLKHFFKLSQTSSKNLLNARVLSEIFSPMLFRFSAASSDNTENLIKVIEILISTEWNERQPAPALPPKPPKPTTVANNG
MNNNMSLQDAEWYWGDISREEVNEKLRDTADGTFLVRDASTKMHGDYTLTLRKGGNNKLIKIFHRDGKYGFSDPLTFSSV
VELINHYRNESLAQYNPKLDVKLLYPVSKYQQDQVVKEDNIEAVGKKLHEYNTQFQEKSREYDRLYEEYTRTSQEIQMKR
TAIEAFNETIKIFEEQCQTQERYSKEYIEKFKREGNEKEIQRIMHNYDKLKSRISEIIDSRRRLEEDLKKQAAEYREIDK
RMNSIKPDLIQLRKTRDQYLMWLTQKGVRQKKLNEWLGNENTEDQYSLVEDDEDLPHHDEKTWNVGSSNRNKAENLLRGK
RDGTFLVRESSKQGCYACSVVVDGEVKHCVINKTATGYGFAEPYNLYSSLKELVLHYQHTSLVQHNDSLNVTLAYPVYAQ
QRR
;
B
#
loop_
_chem_comp.id
_chem_comp.type
_chem_comp.name
_chem_comp.formula
L2V non-polymer N-[(2R)-1-(ethylamino)-1-oxidanylidene-3-[3-(2-quinoxalin-6-ylethynyl)phenyl]propan-2-yl]-2,3-dimethyl-quinoxaline-6-carboxamide 'C32 H28 N6 O2'
#
# COMPACT_ATOMS: atom_id res chain seq x y z
N SER A 35 -8.17 5.99 25.70
CA SER A 35 -9.52 5.73 25.20
C SER A 35 -9.99 4.34 25.61
N GLY A 36 -9.02 3.45 25.88
CA GLY A 36 -9.38 2.10 26.26
C GLY A 36 -10.11 2.03 27.60
N GLU A 37 -9.64 2.80 28.58
CA GLU A 37 -10.24 2.74 29.91
C GLU A 37 -11.49 3.62 29.99
N LEU A 38 -11.34 4.92 29.78
CA LEU A 38 -12.45 5.85 29.89
C LEU A 38 -12.20 7.04 28.96
N TRP A 39 -13.28 7.76 28.66
CA TRP A 39 -13.21 8.92 27.79
C TRP A 39 -12.73 10.15 28.56
N PRO A 45 -9.21 6.81 37.41
CA PRO A 45 -9.42 7.65 38.60
C PRO A 45 -9.37 6.86 39.89
N PRO A 46 -8.88 7.48 40.97
CA PRO A 46 -8.81 6.77 42.26
C PRO A 46 -10.16 6.28 42.75
N ARG A 47 -11.23 7.05 42.51
CA ARG A 47 -12.58 6.64 42.89
C ARG A 47 -13.48 6.81 41.68
N ILE A 48 -14.17 5.74 41.30
CA ILE A 48 -15.06 5.73 40.15
C ILE A 48 -16.48 5.47 40.63
N LEU A 49 -17.40 6.37 40.28
CA LEU A 49 -18.80 6.24 40.63
C LEU A 49 -19.63 6.12 39.36
N VAL A 50 -20.43 5.06 39.29
CA VAL A 50 -21.31 4.81 38.16
C VAL A 50 -22.74 5.07 38.61
N GLU A 51 -23.53 5.73 37.75
CA GLU A 51 -24.92 6.06 38.07
C GLU A 51 -25.81 5.02 37.41
N CYS A 52 -26.00 3.91 38.13
CA CYS A 52 -26.81 2.81 37.62
C CYS A 52 -28.26 3.23 37.45
N LEU A 53 -28.91 2.69 36.42
CA LEU A 53 -30.31 2.98 36.11
C LEU A 53 -31.06 1.66 36.11
N LEU A 54 -31.73 1.35 37.23
CA LEU A 54 -32.54 0.15 37.30
C LEU A 54 -33.80 0.29 36.45
N PRO A 55 -34.36 -0.83 36.00
CA PRO A 55 -35.60 -0.75 35.20
C PRO A 55 -36.72 0.01 35.88
N ASN A 56 -36.85 -0.11 37.20
CA ASN A 56 -37.85 0.66 37.92
C ASN A 56 -37.52 2.15 37.98
N GLY A 57 -36.31 2.54 37.57
CA GLY A 57 -35.95 3.93 37.50
C GLY A 57 -35.31 4.52 38.74
N MET A 58 -34.54 3.72 39.48
CA MET A 58 -33.84 4.19 40.67
C MET A 58 -32.45 4.64 40.24
N ILE A 59 -32.26 5.94 40.09
CA ILE A 59 -30.97 6.50 39.69
C ILE A 59 -30.07 6.48 40.92
N VAL A 60 -29.23 5.45 41.03
CA VAL A 60 -28.37 5.26 42.19
C VAL A 60 -26.93 5.56 41.77
N THR A 61 -26.27 6.41 42.55
CA THR A 61 -24.86 6.74 42.33
C THR A 61 -24.04 6.04 43.41
N LEU A 62 -23.21 5.09 43.00
CA LEU A 62 -22.42 4.30 43.93
C LEU A 62 -21.01 4.13 43.40
N GLU A 63 -20.08 3.91 44.32
CA GLU A 63 -18.66 3.78 43.98
C GLU A 63 -18.28 2.31 43.86
N CYS A 64 -17.57 1.97 42.78
CA CYS A 64 -17.12 0.61 42.54
C CYS A 64 -15.66 0.63 42.09
N LEU A 65 -14.93 -0.42 42.46
CA LEU A 65 -13.51 -0.51 42.13
C LEU A 65 -13.32 -0.75 40.64
N ARG A 66 -12.20 -0.23 40.11
CA ARG A 66 -11.87 -0.45 38.71
C ARG A 66 -11.60 -1.93 38.42
N GLU A 67 -10.92 -2.62 39.34
CA GLU A 67 -10.61 -4.03 39.14
C GLU A 67 -11.85 -4.91 39.22
N ALA A 68 -12.97 -4.39 39.75
CA ALA A 68 -14.18 -5.18 39.85
C ALA A 68 -14.73 -5.51 38.46
N THR A 69 -15.10 -6.76 38.26
CA THR A 69 -15.67 -7.20 36.99
C THR A 69 -17.13 -6.78 36.89
N LEU A 70 -17.73 -7.05 35.73
CA LEU A 70 -19.14 -6.71 35.53
C LEU A 70 -20.04 -7.53 36.45
N ILE A 71 -19.72 -8.81 36.64
CA ILE A 71 -20.55 -9.67 37.48
C ILE A 71 -20.49 -9.23 38.94
N THR A 72 -19.31 -8.80 39.40
CA THR A 72 -19.16 -8.40 40.79
C THR A 72 -19.99 -7.16 41.11
N ILE A 73 -19.92 -6.15 40.25
CA ILE A 73 -20.70 -4.94 40.50
C ILE A 73 -22.19 -5.21 40.31
N LYS A 74 -22.54 -6.15 39.43
CA LYS A 74 -23.94 -6.51 39.23
C LYS A 74 -24.54 -7.12 40.49
N HIS A 75 -23.79 -8.00 41.15
CA HIS A 75 -24.30 -8.67 42.34
C HIS A 75 -24.53 -7.69 43.49
N GLU A 76 -23.59 -6.77 43.70
CA GLU A 76 -23.71 -5.84 44.82
C GLU A 76 -24.74 -4.75 44.54
N LEU A 77 -24.88 -4.33 43.28
CA LEU A 77 -25.84 -3.28 42.95
C LEU A 77 -27.27 -3.70 43.28
N PHE A 78 -27.62 -4.95 42.98
CA PHE A 78 -28.95 -5.45 43.30
C PHE A 78 -29.19 -5.44 44.81
N LYS A 79 -28.18 -5.82 45.59
CA LYS A 79 -28.30 -5.75 47.04
C LYS A 79 -28.50 -4.31 47.51
N GLU A 80 -27.74 -3.39 46.93
CA GLU A 80 -27.88 -1.98 47.28
C GLU A 80 -29.21 -1.41 46.82
N ALA A 81 -29.70 -1.84 45.67
CA ALA A 81 -30.97 -1.32 45.15
C ALA A 81 -32.17 -1.78 45.99
N ARG A 82 -32.01 -2.83 46.79
CA ARG A 82 -33.12 -3.33 47.59
C ARG A 82 -33.52 -2.38 48.71
N LYS A 83 -32.66 -1.41 49.04
CA LYS A 83 -32.99 -0.43 50.08
C LYS A 83 -33.95 0.65 49.60
N TYR A 84 -34.09 0.82 48.28
CA TYR A 84 -34.96 1.85 47.75
C TYR A 84 -36.43 1.42 47.88
N PRO A 85 -37.34 2.39 47.98
CA PRO A 85 -38.77 2.03 48.18
C PRO A 85 -39.37 1.25 47.02
N LEU A 86 -38.79 1.31 45.83
CA LEU A 86 -39.32 0.64 44.66
C LEU A 86 -38.60 -0.68 44.35
N HIS A 87 -38.15 -1.38 45.40
CA HIS A 87 -37.43 -2.63 45.21
C HIS A 87 -38.33 -3.84 44.99
N GLN A 88 -39.64 -3.70 45.23
CA GLN A 88 -40.54 -4.83 45.08
C GLN A 88 -40.78 -5.21 43.63
N LEU A 89 -40.43 -4.34 42.69
CA LEU A 89 -40.65 -4.60 41.27
C LEU A 89 -39.45 -5.23 40.58
N LEU A 90 -38.39 -5.56 41.31
CA LEU A 90 -37.22 -6.18 40.71
C LEU A 90 -37.52 -7.62 40.37
N GLN A 91 -37.12 -8.03 39.16
CA GLN A 91 -37.32 -9.40 38.69
C GLN A 91 -36.09 -10.25 39.02
N ASP A 92 -36.01 -11.43 38.42
CA ASP A 92 -34.88 -12.31 38.66
C ASP A 92 -33.58 -11.67 38.17
N GLU A 93 -32.50 -11.91 38.90
CA GLU A 93 -31.22 -11.30 38.57
C GLU A 93 -30.68 -11.80 37.23
N SER A 94 -30.84 -13.10 36.95
CA SER A 94 -30.26 -13.68 35.73
C SER A 94 -30.86 -13.09 34.47
N SER A 95 -32.07 -12.53 34.53
CA SER A 95 -32.73 -11.97 33.37
C SER A 95 -32.42 -10.48 33.16
N TYR A 96 -31.29 -10.01 33.69
CA TYR A 96 -30.90 -8.61 33.58
C TYR A 96 -29.50 -8.53 32.99
N ILE A 97 -29.24 -7.44 32.27
CA ILE A 97 -27.95 -7.24 31.60
C ILE A 97 -27.68 -5.73 31.51
N PHE A 98 -26.43 -5.38 31.20
CA PHE A 98 -25.99 -4.00 31.16
C PHE A 98 -25.95 -3.49 29.72
N VAL A 99 -26.33 -2.23 29.54
CA VAL A 99 -26.26 -1.55 28.25
C VAL A 99 -25.72 -0.15 28.49
N SER A 100 -24.73 0.26 27.70
CA SER A 100 -24.10 1.56 27.89
C SER A 100 -23.54 2.03 26.54
N VAL A 101 -22.75 3.10 26.58
CA VAL A 101 -22.24 3.78 25.38
C VAL A 101 -20.73 3.60 25.33
N THR A 102 -20.24 3.15 24.18
CA THR A 102 -18.81 2.98 23.98
C THR A 102 -18.19 4.32 23.59
N GLN A 103 -16.86 4.36 23.48
CA GLN A 103 -16.16 5.59 23.11
C GLN A 103 -16.58 6.06 21.73
N GLU A 104 -16.72 5.12 20.78
CA GLU A 104 -17.08 5.45 19.41
C GLU A 104 -18.58 5.49 19.18
N ALA A 105 -19.36 5.80 20.23
CA ALA A 105 -20.79 6.04 20.19
C ALA A 105 -21.62 4.81 19.85
N GLU A 106 -21.02 3.62 19.86
CA GLU A 106 -21.78 2.40 19.61
C GLU A 106 -22.48 1.95 20.88
N ARG A 107 -23.81 1.85 20.83
CA ARG A 107 -24.60 1.38 21.97
C ARG A 107 -24.47 -0.14 22.00
N GLU A 108 -23.40 -0.60 22.62
CA GLU A 108 -23.12 -2.03 22.70
C GLU A 108 -23.71 -2.61 23.99
N GLU A 109 -24.11 -3.88 23.91
CA GLU A 109 -24.74 -4.57 25.02
C GLU A 109 -23.72 -5.48 25.66
N PHE A 110 -23.68 -5.49 27.00
CA PHE A 110 -22.62 -6.18 27.75
C PHE A 110 -23.08 -7.57 28.17
N PHE A 111 -23.18 -8.46 27.18
CA PHE A 111 -23.38 -9.87 27.48
C PHE A 111 -22.13 -10.50 28.09
N ASP A 112 -20.95 -10.06 27.67
CA ASP A 112 -19.71 -10.60 28.19
C ASP A 112 -19.45 -10.08 29.60
N GLU A 113 -19.93 -10.80 30.61
CA GLU A 113 -19.74 -10.39 32.00
C GLU A 113 -18.30 -10.52 32.46
N THR A 114 -17.47 -11.23 31.70
CA THR A 114 -16.09 -11.46 32.13
C THR A 114 -15.27 -10.17 32.10
N ARG A 115 -15.55 -9.29 31.15
CA ARG A 115 -14.74 -8.08 30.97
C ARG A 115 -14.78 -7.21 32.22
N ARG A 116 -13.64 -6.61 32.54
CA ARG A 116 -13.54 -5.72 33.68
C ARG A 116 -14.13 -4.34 33.34
N LEU A 117 -14.07 -3.43 34.32
CA LEU A 117 -14.58 -2.09 34.09
C LEU A 117 -13.67 -1.31 33.14
N CYS A 118 -12.35 -1.54 33.23
CA CYS A 118 -11.42 -0.85 32.33
C CYS A 118 -11.64 -1.27 30.87
N ASP A 119 -11.89 -2.56 30.64
CA ASP A 119 -12.11 -3.07 29.29
C ASP A 119 -13.45 -2.64 28.71
N LEU A 120 -14.33 -2.04 29.51
CA LEU A 120 -15.65 -1.66 29.01
C LEU A 120 -15.56 -0.61 27.92
N ARG A 121 -14.52 0.22 27.94
CA ARG A 121 -14.37 1.33 27.01
C ARG A 121 -15.59 2.25 27.05
N LEU A 122 -16.03 2.57 28.27
CA LEU A 122 -17.20 3.41 28.46
C LEU A 122 -16.92 4.84 27.99
N PHE A 123 -17.99 5.53 27.58
CA PHE A 123 -17.89 6.92 27.16
C PHE A 123 -18.15 7.86 28.34
N GLN A 124 -19.33 7.75 28.95
CA GLN A 124 -19.68 8.49 30.14
C GLN A 124 -19.92 7.52 31.30
N PRO A 125 -19.59 7.89 32.52
CA PRO A 125 -19.81 6.98 33.65
C PRO A 125 -21.29 6.83 33.96
N PHE A 126 -21.87 5.70 33.55
CA PHE A 126 -23.28 5.40 33.76
C PHE A 126 -23.50 3.96 33.34
N LEU A 127 -24.66 3.42 33.71
CA LEU A 127 -24.96 2.01 33.46
C LEU A 127 -26.46 1.80 33.47
N LYS A 128 -27.01 1.27 32.39
CA LYS A 128 -28.42 0.97 32.28
C LYS A 128 -28.62 -0.54 32.32
N VAL A 129 -29.67 -0.97 33.00
CA VAL A 129 -29.96 -2.39 33.19
C VAL A 129 -31.29 -2.71 32.51
N ILE A 130 -31.24 -3.57 31.49
CA ILE A 130 -32.43 -4.04 30.79
C ILE A 130 -32.30 -5.55 30.59
N GLU A 131 -33.43 -6.20 30.34
CA GLU A 131 -33.43 -7.63 30.07
C GLU A 131 -32.68 -7.92 28.77
N PRO A 132 -31.90 -9.00 28.70
CA PRO A 132 -31.16 -9.30 27.48
C PRO A 132 -32.09 -9.60 26.31
N VAL A 133 -31.64 -9.22 25.12
CA VAL A 133 -32.37 -9.50 23.88
C VAL A 133 -31.38 -9.99 22.84
N GLY A 134 -31.91 -10.65 21.82
CA GLY A 134 -31.07 -11.17 20.76
C GLY A 134 -30.33 -12.43 21.19
N ASN A 135 -29.31 -12.78 20.40
CA ASN A 135 -28.53 -13.98 20.64
C ASN A 135 -27.31 -13.66 21.50
N ARG A 136 -27.01 -14.56 22.45
CA ARG A 136 -25.90 -14.34 23.35
C ARG A 136 -24.55 -14.50 22.64
N GLU A 137 -24.42 -15.53 21.80
CA GLU A 137 -23.14 -15.80 21.17
C GLU A 137 -22.81 -14.83 20.05
N GLU A 138 -23.82 -14.35 19.31
CA GLU A 138 -23.55 -13.49 18.17
C GLU A 138 -22.98 -12.15 18.58
N LYS A 139 -23.46 -11.58 19.69
CA LYS A 139 -22.98 -10.26 20.10
C LYS A 139 -21.58 -10.35 20.72
N ILE A 140 -21.25 -11.46 21.38
CA ILE A 140 -19.88 -11.64 21.86
C ILE A 140 -18.91 -11.66 20.69
N LEU A 141 -19.26 -12.38 19.62
CA LEU A 141 -18.43 -12.37 18.42
C LEU A 141 -18.39 -10.99 17.78
N ASN A 142 -19.48 -10.23 17.88
CA ASN A 142 -19.50 -8.89 17.29
C ASN A 142 -18.58 -7.95 18.05
N ARG A 143 -18.24 -8.27 19.30
CA ARG A 143 -17.35 -7.39 20.06
C ARG A 143 -15.89 -7.74 19.81
N GLU A 144 -15.58 -9.01 19.60
CA GLU A 144 -14.22 -9.39 19.22
C GLU A 144 -13.88 -8.86 17.84
N ILE A 145 -14.82 -8.93 16.89
CA ILE A 145 -14.59 -8.42 15.55
C ILE A 145 -14.49 -6.90 15.57
N GLY A 146 -15.31 -6.25 16.39
CA GLY A 146 -15.26 -4.80 16.47
C GLY A 146 -13.95 -4.29 17.04
N PHE A 147 -13.40 -5.01 18.03
CA PHE A 147 -12.12 -4.59 18.62
C PHE A 147 -10.95 -4.88 17.69
N ALA A 148 -10.96 -6.04 17.04
CA ALA A 148 -9.86 -6.40 16.14
C ALA A 148 -9.79 -5.45 14.95
N ILE A 149 -10.94 -5.12 14.36
CA ILE A 149 -10.96 -4.18 13.24
C ILE A 149 -10.54 -2.79 13.71
N GLY A 150 -11.00 -2.37 14.88
CA GLY A 150 -10.79 -1.03 15.36
C GLY A 150 -12.01 -0.14 15.28
N MET A 151 -13.05 -0.58 14.58
CA MET A 151 -14.32 0.13 14.48
C MET A 151 -15.45 -0.83 14.80
N PRO A 152 -16.56 -0.32 15.33
CA PRO A 152 -17.69 -1.20 15.67
C PRO A 152 -18.29 -1.85 14.43
N VAL A 153 -18.75 -3.09 14.60
CA VAL A 153 -19.36 -3.80 13.49
C VAL A 153 -20.78 -3.29 13.23
N CYS A 154 -21.43 -2.72 14.24
CA CYS A 154 -22.79 -2.21 14.06
C CYS A 154 -22.85 -1.05 13.08
N GLU A 155 -21.72 -0.39 12.81
CA GLU A 155 -21.73 0.71 11.86
C GLU A 155 -21.92 0.22 10.43
N PHE A 156 -21.56 -1.04 10.15
CA PHE A 156 -21.69 -1.56 8.79
C PHE A 156 -23.14 -1.86 8.42
N ASP A 157 -24.03 -1.99 9.40
CA ASP A 157 -25.42 -2.29 9.12
C ASP A 157 -26.27 -1.03 8.96
N MET A 158 -25.70 0.15 9.18
CA MET A 158 -26.44 1.39 8.98
C MET A 158 -26.57 1.71 7.50
N VAL A 159 -25.52 1.45 6.72
CA VAL A 159 -25.51 1.81 5.31
C VAL A 159 -26.48 0.94 4.54
N LYS A 160 -27.34 1.57 3.74
CA LYS A 160 -28.37 0.87 2.97
C LYS A 160 -28.02 0.79 1.50
N ASP A 161 -26.78 1.08 1.12
CA ASP A 161 -26.39 1.02 -0.28
C ASP A 161 -26.45 -0.42 -0.77
N PRO A 162 -27.06 -0.67 -1.94
CA PRO A 162 -27.04 -2.05 -2.47
C PRO A 162 -25.65 -2.60 -2.69
N GLU A 163 -24.69 -1.75 -3.03
CA GLU A 163 -23.33 -2.25 -3.30
C GLU A 163 -22.73 -2.92 -2.08
N VAL A 164 -22.88 -2.30 -0.90
CA VAL A 164 -22.31 -2.86 0.32
C VAL A 164 -23.18 -4.00 0.85
N GLN A 165 -24.50 -3.85 0.79
CA GLN A 165 -25.38 -4.82 1.42
C GLN A 165 -25.33 -6.18 0.73
N ASP A 166 -25.45 -6.20 -0.60
CA ASP A 166 -25.32 -7.46 -1.32
C ASP A 166 -23.88 -7.97 -1.38
N PHE A 167 -22.90 -7.18 -0.94
CA PHE A 167 -21.56 -7.74 -0.79
C PHE A 167 -21.43 -8.50 0.52
N ARG A 168 -22.00 -7.97 1.61
CA ARG A 168 -21.94 -8.65 2.89
C ARG A 168 -22.68 -9.98 2.85
N ARG A 169 -23.81 -10.01 2.14
CA ARG A 169 -24.63 -11.21 2.08
C ARG A 169 -24.04 -12.27 1.15
N ASN A 170 -23.41 -11.84 0.05
CA ASN A 170 -22.92 -12.76 -0.96
C ASN A 170 -21.46 -13.14 -0.78
N ILE A 171 -20.75 -12.54 0.18
CA ILE A 171 -19.37 -12.93 0.46
C ILE A 171 -19.31 -14.13 1.39
N LEU A 172 -20.46 -14.65 1.84
CA LEU A 172 -20.46 -15.81 2.70
C LEU A 172 -20.46 -17.13 1.94
N ASN A 173 -20.49 -17.09 0.61
CA ASN A 173 -20.30 -18.32 -0.16
C ASN A 173 -18.84 -18.77 -0.11
N VAL A 174 -17.91 -17.85 -0.27
CA VAL A 174 -16.50 -18.19 -0.15
C VAL A 174 -16.14 -18.49 1.30
N CYS A 175 -16.68 -17.71 2.25
CA CYS A 175 -16.39 -17.95 3.65
C CYS A 175 -16.87 -19.31 4.10
N LYS A 176 -18.04 -19.74 3.64
CA LYS A 176 -18.52 -21.08 3.95
C LYS A 176 -17.68 -22.13 3.23
N GLU A 177 -17.36 -21.89 1.96
CA GLU A 177 -16.59 -22.87 1.18
C GLU A 177 -15.21 -23.08 1.77
N ALA A 178 -14.54 -22.00 2.18
CA ALA A 178 -13.22 -22.13 2.78
C ALA A 178 -13.27 -22.86 4.11
N VAL A 179 -14.28 -22.58 4.92
CA VAL A 179 -14.40 -23.24 6.22
C VAL A 179 -14.68 -24.73 6.04
N ASP A 180 -15.48 -25.08 5.04
CA ASP A 180 -15.77 -26.49 4.78
C ASP A 180 -14.49 -27.22 4.35
N LEU A 181 -13.69 -26.59 3.49
CA LEU A 181 -12.49 -27.24 2.97
C LEU A 181 -11.52 -27.59 4.09
N ARG A 182 -11.28 -26.67 5.02
CA ARG A 182 -10.33 -26.89 6.09
C ARG A 182 -10.88 -27.78 7.20
N ASP A 183 -12.16 -28.14 7.14
CA ASP A 183 -12.75 -29.08 8.08
C ASP A 183 -13.21 -30.37 7.40
N LEU A 184 -12.95 -30.54 6.11
CA LEU A 184 -13.45 -31.70 5.38
C LEU A 184 -12.70 -32.96 5.78
N ASN A 185 -11.37 -32.89 5.87
CA ASN A 185 -10.54 -34.05 6.09
C ASN A 185 -10.36 -34.30 7.59
N SER A 186 -9.41 -35.17 7.93
CA SER A 186 -9.10 -35.58 9.29
C SER A 186 -8.62 -34.39 10.12
N PRO A 187 -8.41 -34.54 11.44
CA PRO A 187 -7.86 -33.42 12.24
C PRO A 187 -6.55 -32.88 11.69
N HIS A 188 -5.91 -33.63 10.80
CA HIS A 188 -4.70 -33.13 10.14
C HIS A 188 -5.00 -31.88 9.31
N SER A 189 -6.11 -31.88 8.58
CA SER A 189 -6.48 -30.71 7.79
C SER A 189 -6.70 -29.48 8.66
N ARG A 190 -7.08 -29.68 9.92
CA ARG A 190 -7.17 -28.55 10.84
C ARG A 190 -5.79 -28.01 11.19
N ALA A 191 -4.81 -28.90 11.32
CA ALA A 191 -3.45 -28.46 11.66
C ALA A 191 -2.79 -27.73 10.51
N MET A 192 -3.09 -28.11 9.26
CA MET A 192 -2.48 -27.44 8.12
C MET A 192 -2.84 -25.96 8.08
N TYR A 193 -4.08 -25.63 8.46
CA TYR A 193 -4.47 -24.23 8.52
C TYR A 193 -3.69 -23.47 9.59
N VAL A 194 -3.46 -24.10 10.74
CA VAL A 194 -2.90 -23.38 11.88
C VAL A 194 -1.38 -23.27 11.75
N TYR A 195 -0.72 -24.33 11.32
CA TYR A 195 0.74 -24.36 11.21
C TYR A 195 1.12 -24.74 9.78
N PRO A 196 0.94 -23.83 8.83
CA PRO A 196 1.19 -24.17 7.44
C PRO A 196 2.68 -24.30 7.18
N PRO A 197 3.07 -25.12 6.21
CA PRO A 197 4.49 -25.21 5.86
C PRO A 197 5.01 -23.90 5.30
N ASN A 198 6.26 -23.59 5.64
CA ASN A 198 6.99 -22.46 5.07
C ASN A 198 7.98 -23.07 4.07
N VAL A 199 7.52 -23.27 2.84
CA VAL A 199 8.30 -24.02 1.86
C VAL A 199 8.72 -23.13 0.71
N GLU A 200 9.49 -23.69 -0.21
CA GLU A 200 10.00 -22.96 -1.37
C GLU A 200 9.06 -23.15 -2.56
N SER A 201 9.45 -22.59 -3.70
CA SER A 201 8.73 -22.79 -4.95
C SER A 201 9.33 -23.88 -5.83
N SER A 202 10.54 -24.34 -5.51
CA SER A 202 11.21 -25.30 -6.37
C SER A 202 11.98 -26.33 -5.53
N PRO A 203 11.66 -27.62 -5.68
CA PRO A 203 12.46 -28.65 -5.01
C PRO A 203 13.91 -28.70 -5.49
N GLU A 204 14.18 -28.29 -6.71
CA GLU A 204 15.53 -28.39 -7.28
C GLU A 204 16.46 -27.41 -6.60
N LEU A 205 17.51 -27.93 -5.98
CA LEU A 205 18.48 -27.08 -5.32
C LEU A 205 19.34 -26.35 -6.36
N PRO A 206 19.75 -25.12 -6.08
CA PRO A 206 20.71 -24.44 -6.97
C PRO A 206 22.06 -25.17 -6.94
N LYS A 207 22.79 -25.03 -8.05
CA LYS A 207 24.05 -25.75 -8.18
C LYS A 207 25.06 -25.31 -7.12
N HIS A 208 25.14 -24.00 -6.84
CA HIS A 208 26.08 -23.53 -5.85
C HIS A 208 25.71 -23.99 -4.44
N ILE A 209 24.42 -24.02 -4.13
CA ILE A 209 23.99 -24.49 -2.81
C ILE A 209 24.24 -25.98 -2.66
N TYR A 210 23.94 -26.76 -3.71
CA TYR A 210 24.07 -28.21 -3.63
C TYR A 210 25.50 -28.65 -3.41
N ASN A 211 26.49 -27.83 -3.78
CA ASN A 211 27.89 -28.18 -3.55
C ASN A 211 28.33 -27.97 -2.11
N LYS A 212 27.50 -27.32 -1.28
CA LYS A 212 27.84 -27.11 0.12
C LYS A 212 27.58 -28.34 0.99
N LEU A 213 26.83 -29.31 0.48
CA LEU A 213 26.61 -30.58 1.17
C LEU A 213 27.21 -31.69 0.32
N ASP A 214 27.89 -32.63 0.98
CA ASP A 214 28.71 -33.63 0.30
C ASP A 214 27.91 -34.88 -0.01
N LYS A 215 28.00 -35.34 -1.26
CA LYS A 215 27.42 -36.62 -1.70
C LYS A 215 25.92 -36.67 -1.44
N GLY A 216 25.24 -35.54 -1.61
CA GLY A 216 23.81 -35.51 -1.44
C GLY A 216 23.33 -35.83 -0.04
N GLN A 217 24.12 -35.47 0.98
CA GLN A 217 23.78 -35.79 2.36
C GLN A 217 24.11 -34.60 3.25
N ILE A 218 23.18 -34.28 4.17
CA ILE A 218 23.37 -33.22 5.15
C ILE A 218 23.13 -33.82 6.54
N ILE A 219 23.86 -33.29 7.52
CA ILE A 219 23.74 -33.78 8.89
C ILE A 219 22.80 -32.86 9.66
N VAL A 220 22.14 -33.42 10.67
CA VAL A 220 21.14 -32.69 11.46
C VAL A 220 21.06 -33.33 12.83
N VAL A 221 20.65 -32.54 13.82
CA VAL A 221 20.53 -32.99 15.20
C VAL A 221 19.06 -32.96 15.60
N ILE A 222 18.62 -34.01 16.29
CA ILE A 222 17.24 -34.13 16.76
C ILE A 222 17.26 -34.14 18.29
N TRP A 223 16.29 -33.46 18.89
CA TRP A 223 16.33 -33.14 20.31
C TRP A 223 15.18 -33.80 21.05
N VAL A 224 15.01 -35.11 20.83
CA VAL A 224 13.92 -35.87 21.43
C VAL A 224 13.85 -35.64 22.93
N ILE A 225 12.65 -35.37 23.43
CA ILE A 225 12.38 -35.27 24.86
C ILE A 225 11.53 -36.47 25.25
N VAL A 226 12.08 -37.32 26.13
CA VAL A 226 11.47 -38.61 26.43
C VAL A 226 10.77 -38.66 27.78
N SER A 227 11.01 -37.69 28.66
CA SER A 227 10.44 -37.75 30.00
C SER A 227 9.75 -36.43 30.33
N PRO A 228 8.72 -36.46 31.18
CA PRO A 228 8.11 -35.20 31.62
C PRO A 228 9.11 -34.25 32.28
N ASN A 229 10.04 -34.78 33.06
CA ASN A 229 11.16 -33.98 33.53
C ASN A 229 12.09 -33.66 32.37
N ASN A 230 12.66 -32.46 32.38
CA ASN A 230 13.43 -31.97 31.24
C ASN A 230 14.71 -32.77 31.10
N ASP A 231 14.75 -33.68 30.13
CA ASP A 231 15.93 -34.49 29.81
C ASP A 231 16.19 -34.33 28.32
N LYS A 232 16.95 -33.30 27.97
CA LYS A 232 17.25 -33.01 26.57
C LYS A 232 18.38 -33.90 26.10
N GLN A 233 18.12 -34.69 25.06
CA GLN A 233 19.14 -35.49 24.41
C GLN A 233 19.11 -35.24 22.92
N LYS A 234 20.29 -35.26 22.30
CA LYS A 234 20.44 -34.93 20.89
C LYS A 234 20.96 -36.14 20.12
N TYR A 235 20.28 -36.47 19.02
CA TYR A 235 20.70 -37.52 18.11
C TYR A 235 21.23 -36.90 16.83
N THR A 236 22.39 -37.35 16.37
CA THR A 236 23.00 -36.87 15.15
C THR A 236 22.87 -37.93 14.07
N LEU A 237 22.38 -37.53 12.90
CA LEU A 237 22.14 -38.48 11.82
C LEU A 237 22.39 -37.79 10.49
N LYS A 238 22.69 -38.61 9.48
CA LYS A 238 22.95 -38.13 8.12
C LYS A 238 21.71 -38.37 7.27
N ILE A 239 21.16 -37.29 6.72
CA ILE A 239 19.97 -37.37 5.89
C ILE A 239 20.30 -36.83 4.51
N ASN A 240 19.61 -37.36 3.50
CA ASN A 240 19.76 -36.87 2.14
C ASN A 240 19.04 -35.53 1.99
N HIS A 241 19.19 -34.93 0.81
CA HIS A 241 18.48 -33.70 0.49
C HIS A 241 17.13 -33.96 -0.17
N ASP A 242 16.74 -35.22 -0.30
CA ASP A 242 15.46 -35.60 -0.90
C ASP A 242 14.50 -36.23 0.08
N CYS A 243 14.98 -36.64 1.26
CA CYS A 243 14.13 -37.34 2.21
C CYS A 243 13.03 -36.44 2.75
N VAL A 244 11.84 -37.01 2.91
CA VAL A 244 10.69 -36.32 3.47
C VAL A 244 10.73 -36.47 5.00
N PRO A 245 10.01 -35.64 5.75
CA PRO A 245 10.02 -35.79 7.22
C PRO A 245 9.56 -37.15 7.70
N GLU A 246 8.75 -37.88 6.92
CA GLU A 246 8.40 -39.24 7.29
C GLU A 246 9.64 -40.13 7.31
N GLN A 247 10.50 -40.00 6.31
CA GLN A 247 11.75 -40.76 6.31
C GLN A 247 12.72 -40.26 7.37
N VAL A 248 12.70 -38.96 7.65
CA VAL A 248 13.53 -38.41 8.72
C VAL A 248 13.10 -38.99 10.07
N ILE A 249 11.79 -39.09 10.29
CA ILE A 249 11.29 -39.70 11.52
C ILE A 249 11.69 -41.16 11.60
N ALA A 250 11.63 -41.87 10.47
CA ALA A 250 12.01 -43.27 10.47
C ALA A 250 13.46 -43.47 10.88
N GLU A 251 14.36 -42.63 10.36
CA GLU A 251 15.77 -42.75 10.71
C GLU A 251 16.00 -42.39 12.19
N ALA A 252 15.32 -41.36 12.68
CA ALA A 252 15.51 -40.95 14.07
C ALA A 252 15.10 -42.06 15.03
N ILE A 253 13.98 -42.72 14.76
CA ILE A 253 13.52 -43.81 15.62
C ILE A 253 14.54 -44.95 15.60
N ARG A 254 15.15 -45.19 14.43
CA ARG A 254 16.22 -46.18 14.36
C ARG A 254 17.41 -45.79 15.22
N LYS A 255 17.76 -44.50 15.20
CA LYS A 255 18.91 -44.03 15.99
C LYS A 255 18.62 -44.04 17.49
N LYS A 256 17.34 -43.95 17.88
CA LYS A 256 17.01 -44.03 19.30
C LYS A 256 17.40 -45.37 19.90
N THR A 257 17.14 -46.45 19.16
CA THR A 257 17.51 -47.80 19.58
C THR A 257 16.98 -48.16 20.95
N GLN A 275 2.17 -45.17 10.84
CA GLN A 275 2.41 -45.75 12.16
C GLN A 275 2.96 -44.70 13.12
N GLY A 276 3.90 -43.88 12.62
CA GLY A 276 4.53 -42.87 13.42
C GLY A 276 3.57 -41.84 14.00
N LYS A 277 3.68 -41.59 15.29
CA LYS A 277 2.89 -40.58 15.98
C LYS A 277 3.67 -39.31 16.24
N TYR A 278 4.85 -39.15 15.63
CA TYR A 278 5.74 -38.03 15.88
C TYR A 278 5.82 -37.13 14.66
N ILE A 279 5.97 -35.83 14.91
CA ILE A 279 6.18 -34.84 13.87
C ILE A 279 7.36 -33.95 14.28
N LEU A 280 8.05 -33.43 13.27
CA LEU A 280 9.20 -32.57 13.51
C LEU A 280 8.74 -31.19 13.97
N LYS A 281 9.72 -30.35 14.30
CA LYS A 281 9.46 -29.00 14.78
C LYS A 281 10.78 -28.25 14.83
N VAL A 282 10.75 -26.97 14.49
CA VAL A 282 11.94 -26.14 14.57
C VAL A 282 12.13 -25.71 16.02
N CYS A 283 13.28 -26.04 16.60
CA CYS A 283 13.54 -25.69 17.98
C CYS A 283 13.70 -24.18 18.12
N GLY A 284 12.98 -23.59 19.07
CA GLY A 284 13.02 -22.17 19.31
C GLY A 284 11.84 -21.39 18.77
N CYS A 285 10.99 -22.01 17.95
CA CYS A 285 9.85 -21.31 17.38
C CYS A 285 8.78 -22.32 17.00
N ASP A 286 7.60 -21.80 16.65
CA ASP A 286 6.43 -22.63 16.35
C ASP A 286 6.31 -22.85 14.85
N GLU A 287 7.25 -23.63 14.32
CA GLU A 287 7.22 -24.06 12.93
C GLU A 287 7.30 -25.58 12.91
N TYR A 288 6.48 -26.21 12.06
CA TYR A 288 6.34 -27.65 12.05
C TYR A 288 6.55 -28.17 10.64
N PHE A 289 6.92 -29.46 10.56
CA PHE A 289 7.34 -30.09 9.32
C PHE A 289 6.40 -31.23 8.95
N LEU A 290 5.10 -30.99 9.01
CA LEU A 290 4.08 -32.02 8.84
C LEU A 290 3.47 -32.06 7.44
N GLU A 291 4.25 -31.72 6.41
CA GLU A 291 3.81 -31.82 5.02
C GLU A 291 4.76 -32.72 4.24
N LYS A 292 4.18 -33.53 3.35
CA LYS A 292 4.94 -34.49 2.56
C LYS A 292 5.71 -33.77 1.46
N TYR A 293 6.77 -33.08 1.87
CA TYR A 293 7.70 -32.42 0.97
C TYR A 293 9.12 -32.89 1.27
N PRO A 294 10.02 -32.80 0.30
CA PRO A 294 11.43 -33.03 0.60
C PRO A 294 11.93 -32.07 1.66
N LEU A 295 12.77 -32.59 2.56
CA LEU A 295 13.20 -31.78 3.69
C LEU A 295 14.03 -30.58 3.26
N SER A 296 14.74 -30.68 2.15
CA SER A 296 15.52 -29.56 1.66
C SER A 296 14.67 -28.44 1.08
N GLN A 297 13.37 -28.69 0.89
CA GLN A 297 12.50 -27.66 0.32
C GLN A 297 12.13 -26.58 1.33
N TYR A 298 12.09 -26.93 2.62
CA TYR A 298 11.63 -26.00 3.63
C TYR A 298 12.56 -24.80 3.75
N LYS A 299 11.97 -23.63 4.07
CA LYS A 299 12.74 -22.39 4.10
C LYS A 299 13.74 -22.38 5.26
N TYR A 300 13.36 -22.95 6.40
CA TYR A 300 14.27 -22.95 7.54
C TYR A 300 15.51 -23.78 7.27
N ILE A 301 15.34 -24.94 6.63
CA ILE A 301 16.48 -25.80 6.34
C ILE A 301 17.38 -25.17 5.27
N ARG A 302 16.77 -24.53 4.27
CA ARG A 302 17.57 -23.83 3.26
C ARG A 302 18.37 -22.69 3.87
N SER A 303 17.77 -21.95 4.81
CA SER A 303 18.50 -20.89 5.49
C SER A 303 19.65 -21.47 6.31
N CYS A 304 19.42 -22.61 6.97
CA CYS A 304 20.45 -23.19 7.81
C CYS A 304 21.66 -23.64 7.01
N ILE A 305 21.44 -24.27 5.85
CA ILE A 305 22.56 -24.72 5.04
C ILE A 305 23.28 -23.53 4.39
N MET A 306 22.52 -22.56 3.87
CA MET A 306 23.13 -21.47 3.13
C MET A 306 23.90 -20.52 4.04
N LEU A 307 23.39 -20.25 5.25
CA LEU A 307 24.21 -19.59 6.26
C LEU A 307 25.25 -20.52 6.86
N GLY A 308 25.20 -21.82 6.56
CA GLY A 308 26.20 -22.75 7.04
C GLY A 308 26.18 -22.95 8.54
N ARG A 309 25.02 -23.37 9.07
CA ARG A 309 24.87 -23.61 10.50
C ARG A 309 24.20 -24.96 10.73
N MET A 310 23.90 -25.23 11.99
CA MET A 310 23.34 -26.51 12.40
C MET A 310 21.83 -26.42 12.51
N PRO A 311 21.07 -27.12 11.67
CA PRO A 311 19.62 -27.23 11.91
C PRO A 311 19.34 -28.09 13.12
N ASN A 312 18.52 -27.58 14.04
CA ASN A 312 18.12 -28.32 15.22
C ASN A 312 16.63 -28.60 15.14
N LEU A 313 16.26 -29.87 15.20
CA LEU A 313 14.87 -30.30 15.14
C LEU A 313 14.50 -31.02 16.43
N MET A 314 13.22 -30.95 16.79
CA MET A 314 12.71 -31.57 17.99
C MET A 314 11.55 -32.49 17.63
N LEU A 315 11.25 -33.43 18.52
CA LEU A 315 10.16 -34.37 18.33
C LEU A 315 8.98 -33.98 19.20
N MET A 316 7.82 -33.84 18.56
CA MET A 316 6.56 -33.58 19.26
C MET A 316 5.56 -34.64 18.84
N ALA A 317 4.88 -35.23 19.82
CA ALA A 317 3.85 -36.22 19.52
C ALA A 317 2.66 -35.55 18.83
N LYS A 318 2.02 -36.27 17.93
CA LYS A 318 0.89 -35.70 17.20
C LYS A 318 -0.26 -35.35 18.15
N GLU A 319 -0.55 -36.24 19.10
CA GLU A 319 -1.65 -36.01 20.02
C GLU A 319 -1.43 -34.78 20.88
N SER A 320 -0.17 -34.46 21.21
CA SER A 320 0.11 -33.24 21.95
C SER A 320 -0.21 -32.01 21.12
N LEU A 321 0.00 -32.08 19.80
CA LEU A 321 -0.31 -30.95 18.95
C LEU A 321 -1.81 -30.82 18.70
N TYR A 322 -2.51 -31.94 18.53
CA TYR A 322 -3.92 -31.88 18.18
C TYR A 322 -4.77 -31.39 19.35
N SER A 323 -4.39 -31.75 20.58
CA SER A 323 -5.12 -31.24 21.73
C SER A 323 -4.97 -29.74 21.87
N GLN A 324 -3.86 -29.18 21.40
CA GLN A 324 -3.68 -27.73 21.43
C GLN A 324 -4.65 -27.03 20.50
N LEU A 325 -4.98 -27.65 19.37
CA LEU A 325 -5.88 -27.04 18.41
C LEU A 325 -7.33 -27.13 18.89
N PRO A 326 -8.03 -26.01 19.05
CA PRO A 326 -9.44 -26.08 19.46
C PRO A 326 -10.38 -26.21 18.27
N MET A 327 -11.68 -26.26 18.54
CA MET A 327 -12.68 -26.40 17.51
C MET A 327 -13.00 -25.03 16.90
N ASP A 328 -13.85 -25.03 15.88
CA ASP A 328 -14.22 -23.81 15.17
C ASP A 328 -15.73 -23.65 15.21
N CYS A 329 -16.18 -22.39 15.19
CA CYS A 329 -17.61 -22.06 15.25
C CYS A 329 -17.88 -20.92 14.27
N PHE A 330 -18.40 -21.28 13.09
CA PHE A 330 -18.81 -20.29 12.09
C PHE A 330 -20.33 -20.16 12.13
N THR A 331 -20.80 -19.32 13.04
CA THR A 331 -22.23 -19.04 13.13
C THR A 331 -22.65 -18.13 11.99
N MET A 332 -23.68 -18.54 11.27
CA MET A 332 -24.14 -17.75 10.13
C MET A 332 -24.78 -16.47 10.65
N PRO A 333 -24.32 -15.30 10.20
CA PRO A 333 -24.75 -14.04 10.84
C PRO A 333 -26.19 -13.67 10.57
N SER A 334 -26.64 -12.57 11.15
CA SER A 334 -28.04 -12.17 11.05
C SER A 334 -28.40 -11.74 9.63
N TYR A 335 -27.52 -10.97 8.98
CA TYR A 335 -27.84 -10.44 7.67
C TYR A 335 -27.86 -11.51 6.57
N SER A 336 -27.35 -12.70 6.84
CA SER A 336 -27.41 -13.77 5.85
C SER A 336 -28.85 -14.20 5.60
N ARG A 337 -29.69 -14.18 6.63
CA ARG A 337 -31.09 -14.56 6.47
C ARG A 337 -31.81 -13.61 5.53
N ARG A 338 -31.57 -12.31 5.65
CA ARG A 338 -32.18 -11.32 4.79
C ARG A 338 -31.42 -11.17 3.48
N SER A 351 -38.93 -3.21 -17.61
CA SER A 351 -38.72 -2.71 -18.96
C SER A 351 -37.28 -2.24 -19.15
N THR A 352 -36.45 -3.09 -19.75
CA THR A 352 -35.05 -2.78 -19.99
C THR A 352 -34.70 -3.13 -21.43
N LYS A 353 -33.78 -2.35 -21.99
CA LYS A 353 -33.27 -2.58 -23.33
C LYS A 353 -31.75 -2.47 -23.30
N SER A 354 -31.11 -3.12 -24.28
CA SER A 354 -29.67 -3.18 -24.32
C SER A 354 -29.05 -1.80 -24.52
N LEU A 355 -27.78 -1.68 -24.14
CA LEU A 355 -27.07 -0.42 -24.30
C LEU A 355 -26.84 -0.10 -25.77
N TRP A 356 -26.60 -1.13 -26.59
CA TRP A 356 -26.23 -0.91 -27.98
C TRP A 356 -27.40 -0.44 -28.85
N VAL A 357 -28.63 -0.52 -28.36
CA VAL A 357 -29.77 -0.03 -29.15
C VAL A 357 -29.90 1.48 -29.06
N ILE A 358 -29.27 2.12 -28.08
CA ILE A 358 -29.28 3.57 -27.97
C ILE A 358 -28.34 4.15 -29.01
N ASN A 359 -28.79 5.20 -29.71
CA ASN A 359 -27.98 5.84 -30.73
C ASN A 359 -27.64 7.29 -30.41
N SER A 360 -27.87 7.74 -29.18
CA SER A 360 -27.61 9.12 -28.80
C SER A 360 -26.13 9.29 -28.48
N ALA A 361 -25.77 10.44 -27.91
CA ALA A 361 -24.41 10.73 -27.50
C ALA A 361 -24.38 11.07 -26.01
N LEU A 362 -23.26 10.75 -25.37
CA LEU A 362 -23.13 10.95 -23.94
C LEU A 362 -23.25 12.42 -23.57
N ARG A 363 -24.31 12.77 -22.84
CA ARG A 363 -24.52 14.13 -22.36
C ARG A 363 -24.74 14.09 -20.86
N ILE A 364 -24.04 14.96 -20.15
CA ILE A 364 -24.08 15.02 -18.69
C ILE A 364 -24.20 16.49 -18.28
N LYS A 365 -25.08 16.77 -17.33
CA LYS A 365 -25.35 18.13 -16.89
C LYS A 365 -24.79 18.33 -15.49
N ILE A 366 -24.00 19.39 -15.33
CA ILE A 366 -23.41 19.74 -14.04
C ILE A 366 -24.26 20.87 -13.46
N LEU A 367 -25.13 20.53 -12.51
CA LEU A 367 -26.11 21.49 -12.01
C LEU A 367 -25.44 22.61 -11.24
N CYS A 368 -24.80 22.28 -10.12
CA CYS A 368 -24.19 23.29 -9.27
C CYS A 368 -23.26 22.61 -8.27
N ALA A 369 -22.43 23.41 -7.62
CA ALA A 369 -21.58 22.96 -6.53
C ALA A 369 -22.04 23.66 -5.25
N THR A 370 -22.38 22.89 -4.24
CA THR A 370 -22.93 23.46 -3.01
C THR A 370 -21.89 24.29 -2.28
N TYR A 371 -20.70 23.73 -2.07
CA TYR A 371 -19.65 24.40 -1.33
C TYR A 371 -18.33 24.33 -2.09
N VAL A 372 -17.57 25.40 -2.04
CA VAL A 372 -16.21 25.44 -2.58
C VAL A 372 -15.34 26.20 -1.58
N ASN A 373 -14.11 25.72 -1.40
CA ASN A 373 -13.30 26.14 -0.26
C ASN A 373 -12.05 26.90 -0.64
N VAL A 374 -12.15 27.87 -1.56
CA VAL A 374 -11.02 28.70 -1.94
C VAL A 374 -11.38 30.16 -1.79
N ASN A 375 -10.35 30.99 -1.63
CA ASN A 375 -10.55 32.41 -1.36
C ASN A 375 -11.11 33.13 -2.56
N ILE A 376 -12.05 34.05 -2.30
CA ILE A 376 -12.70 34.80 -3.38
C ILE A 376 -11.73 35.78 -4.01
N ARG A 377 -10.91 36.45 -3.21
CA ARG A 377 -10.03 37.49 -3.74
C ARG A 377 -8.89 36.90 -4.57
N ASP A 378 -8.26 35.83 -4.07
CA ASP A 378 -7.10 35.28 -4.77
C ASP A 378 -7.52 34.54 -6.04
N ILE A 379 -8.57 33.72 -5.95
CA ILE A 379 -9.04 32.93 -7.08
C ILE A 379 -10.19 33.68 -7.74
N ASP A 380 -10.05 33.98 -9.03
CA ASP A 380 -11.06 34.78 -9.72
C ASP A 380 -12.22 33.91 -10.18
N LYS A 381 -11.95 32.94 -11.05
CA LYS A 381 -12.99 32.11 -11.65
C LYS A 381 -12.64 30.64 -11.49
N ILE A 382 -13.67 29.82 -11.32
CA ILE A 382 -13.51 28.37 -11.20
C ILE A 382 -14.34 27.69 -12.27
N TYR A 383 -13.96 26.46 -12.59
CA TYR A 383 -14.67 25.67 -13.59
C TYR A 383 -14.55 24.21 -13.22
N VAL A 384 -15.27 23.36 -13.95
CA VAL A 384 -15.31 21.93 -13.71
C VAL A 384 -14.75 21.23 -14.93
N ARG A 385 -13.71 20.43 -14.73
CA ARG A 385 -13.03 19.72 -15.81
C ARG A 385 -13.34 18.24 -15.67
N THR A 386 -13.92 17.65 -16.72
CA THR A 386 -14.38 16.27 -16.69
C THR A 386 -13.67 15.46 -17.77
N GLY A 387 -14.10 14.21 -17.93
CA GLY A 387 -13.53 13.33 -18.93
C GLY A 387 -13.89 11.88 -18.68
N ILE A 388 -13.95 11.07 -19.73
CA ILE A 388 -14.28 9.65 -19.63
C ILE A 388 -12.99 8.86 -19.74
N TYR A 389 -12.62 8.17 -18.67
CA TYR A 389 -11.30 7.54 -18.55
C TYR A 389 -11.46 6.03 -18.41
N HIS A 390 -11.00 5.29 -19.41
CA HIS A 390 -10.96 3.83 -19.32
C HIS A 390 -9.66 3.40 -18.64
N GLY A 391 -9.62 3.60 -17.33
CA GLY A 391 -8.50 3.19 -16.52
C GLY A 391 -7.19 3.88 -16.82
N GLY A 392 -7.24 5.22 -16.94
CA GLY A 392 -6.03 5.98 -17.15
C GLY A 392 -5.97 6.67 -18.50
N GLU A 393 -6.38 5.97 -19.55
CA GLU A 393 -6.38 6.56 -20.88
C GLU A 393 -7.70 7.29 -21.14
N PRO A 394 -7.66 8.52 -21.62
CA PRO A 394 -8.92 9.24 -21.89
C PRO A 394 -9.62 8.65 -23.11
N LEU A 395 -10.92 8.41 -22.97
CA LEU A 395 -11.72 7.94 -24.10
C LEU A 395 -12.11 9.07 -25.04
N CYS A 396 -12.01 10.32 -24.59
CA CYS A 396 -12.31 11.47 -25.43
C CYS A 396 -11.66 12.69 -24.80
N ASP A 397 -11.76 13.82 -25.50
CA ASP A 397 -11.18 15.06 -25.00
C ASP A 397 -11.90 15.52 -23.73
N ASN A 398 -11.13 16.07 -22.81
CA ASN A 398 -11.71 16.61 -21.58
C ASN A 398 -12.55 17.84 -21.88
N VAL A 399 -13.69 17.95 -21.21
CA VAL A 399 -14.67 19.00 -21.47
C VAL A 399 -14.65 19.97 -20.29
N ASN A 400 -14.62 21.26 -20.59
CA ASN A 400 -14.62 22.31 -19.58
C ASN A 400 -15.97 23.01 -19.58
N THR A 401 -16.55 23.16 -18.39
CA THR A 401 -17.68 24.05 -18.24
C THR A 401 -17.21 25.49 -18.22
N GLN A 402 -18.07 26.40 -18.65
CA GLN A 402 -17.70 27.82 -18.70
C GLN A 402 -17.37 28.34 -17.31
N ARG A 403 -16.36 29.19 -17.22
CA ARG A 403 -15.93 29.72 -15.93
C ARG A 403 -17.03 30.54 -15.28
N VAL A 404 -17.09 30.47 -13.95
CA VAL A 404 -18.08 31.21 -13.18
C VAL A 404 -17.37 31.93 -12.05
N PRO A 405 -17.96 33.00 -11.52
CA PRO A 405 -17.38 33.65 -10.35
C PRO A 405 -17.36 32.70 -9.16
N CYS A 406 -16.34 32.86 -8.31
CA CYS A 406 -16.19 31.96 -7.17
C CYS A 406 -17.34 32.09 -6.19
N SER A 407 -17.98 33.25 -6.14
CA SER A 407 -19.06 33.47 -5.17
C SER A 407 -20.25 32.56 -5.44
N ASN A 408 -20.59 32.35 -6.71
CA ASN A 408 -21.80 31.63 -7.10
C ASN A 408 -21.45 30.49 -8.05
N PRO A 409 -21.03 29.33 -7.53
CA PRO A 409 -20.77 28.19 -8.41
C PRO A 409 -22.07 27.58 -8.91
N ARG A 410 -22.41 27.83 -10.17
CA ARG A 410 -23.66 27.34 -10.74
C ARG A 410 -23.53 27.34 -12.25
N TRP A 411 -23.51 26.16 -12.86
CA TRP A 411 -23.29 26.02 -14.28
C TRP A 411 -24.57 25.66 -15.03
N ASN A 412 -25.22 24.55 -14.66
CA ASN A 412 -26.46 24.11 -15.29
C ASN A 412 -26.30 23.96 -16.80
N GLU A 413 -25.22 23.28 -17.20
CA GLU A 413 -24.84 23.16 -18.60
C GLU A 413 -24.78 21.69 -19.00
N TRP A 414 -25.32 21.39 -20.19
CA TRP A 414 -25.34 20.03 -20.72
C TRP A 414 -24.01 19.76 -21.41
N LEU A 415 -23.08 19.11 -20.72
CA LEU A 415 -21.80 18.78 -21.31
C LEU A 415 -21.95 17.66 -22.32
N ASN A 416 -21.38 17.84 -23.51
CA ASN A 416 -21.47 16.88 -24.60
C ASN A 416 -20.11 16.24 -24.84
N TYR A 417 -20.11 14.92 -24.99
CA TYR A 417 -18.90 14.15 -25.21
C TYR A 417 -18.95 13.50 -26.60
N ASP A 418 -17.76 13.11 -27.08
CA ASP A 418 -17.64 12.52 -28.41
C ASP A 418 -18.02 11.05 -28.43
N ILE A 419 -18.14 10.41 -27.26
CA ILE A 419 -18.34 8.96 -27.21
C ILE A 419 -19.78 8.64 -27.60
N TYR A 420 -19.93 7.82 -28.63
CA TYR A 420 -21.22 7.22 -28.93
C TYR A 420 -21.63 6.30 -27.78
N ILE A 421 -22.90 6.35 -27.39
CA ILE A 421 -23.34 5.61 -26.20
C ILE A 421 -23.04 4.12 -26.29
N PRO A 422 -23.36 3.41 -27.38
CA PRO A 422 -22.98 1.99 -27.46
C PRO A 422 -21.48 1.76 -27.50
N ASP A 423 -20.68 2.77 -27.86
CA ASP A 423 -19.23 2.61 -27.88
C ASP A 423 -18.62 2.47 -26.49
N LEU A 424 -19.40 2.73 -25.45
CA LEU A 424 -18.86 2.78 -24.10
C LEU A 424 -18.39 1.40 -23.65
N PRO A 425 -17.14 1.26 -23.20
CA PRO A 425 -16.73 0.00 -22.57
C PRO A 425 -17.31 -0.14 -21.17
N ARG A 426 -17.08 -1.28 -20.53
CA ARG A 426 -17.69 -1.52 -19.22
C ARG A 426 -17.16 -0.58 -18.15
N ALA A 427 -15.86 -0.32 -18.16
CA ALA A 427 -15.22 0.51 -17.12
C ALA A 427 -15.07 1.96 -17.59
N ALA A 428 -16.20 2.59 -17.91
CA ALA A 428 -16.17 3.93 -18.47
C ALA A 428 -15.59 4.94 -17.48
N ARG A 429 -16.12 4.99 -16.26
CA ARG A 429 -15.49 5.66 -15.11
C ARG A 429 -15.21 7.14 -15.40
N LEU A 430 -16.29 7.90 -15.53
CA LEU A 430 -16.15 9.35 -15.66
C LEU A 430 -15.41 9.94 -14.46
N CYS A 431 -14.50 10.87 -14.74
CA CYS A 431 -13.69 11.52 -13.73
C CYS A 431 -13.95 13.02 -13.74
N LEU A 432 -14.10 13.61 -12.57
CA LEU A 432 -14.40 15.02 -12.40
C LEU A 432 -13.23 15.75 -11.77
N SER A 433 -13.41 17.05 -11.56
CA SER A 433 -12.45 17.93 -10.90
C SER A 433 -13.09 19.31 -10.79
N ILE A 434 -12.51 20.14 -9.95
CA ILE A 434 -12.89 21.55 -9.86
C ILE A 434 -11.62 22.38 -9.81
N CYS A 435 -11.23 22.95 -10.93
CA CYS A 435 -10.01 23.73 -11.01
C CYS A 435 -10.30 25.20 -10.71
N SER A 436 -9.24 25.94 -10.44
CA SER A 436 -9.31 27.37 -10.19
C SER A 436 -8.30 28.07 -11.08
N VAL A 437 -8.75 29.05 -11.85
CA VAL A 437 -7.91 29.76 -12.80
C VAL A 437 -7.95 31.24 -12.48
N LYS A 438 -6.78 31.88 -12.43
CA LYS A 438 -6.69 33.30 -12.14
C LYS A 438 -6.52 34.13 -13.41
N GLY A 439 -5.45 33.88 -14.17
CA GLY A 439 -5.22 34.57 -15.42
C GLY A 439 -4.71 35.99 -15.29
N ARG A 440 -4.46 36.47 -14.06
CA ARG A 440 -3.99 37.84 -13.89
C ARG A 440 -2.57 38.03 -14.40
N LYS A 441 -1.69 37.07 -14.12
CA LYS A 441 -0.29 37.15 -14.50
C LYS A 441 0.14 35.86 -15.18
N GLY A 442 1.01 36.00 -16.18
CA GLY A 442 1.55 34.85 -16.89
C GLY A 442 0.79 34.49 -18.14
N ALA A 443 1.51 34.16 -19.21
CA ALA A 443 0.86 33.74 -20.45
C ALA A 443 0.09 32.45 -20.25
N LYS A 444 0.66 31.50 -19.52
CA LYS A 444 -0.01 30.23 -19.23
C LYS A 444 -0.77 30.39 -17.91
N GLU A 445 -2.09 30.31 -17.99
CA GLU A 445 -2.91 30.46 -16.79
C GLU A 445 -2.74 29.26 -15.87
N GLU A 446 -2.62 29.52 -14.58
CA GLU A 446 -2.32 28.49 -13.60
C GLU A 446 -3.63 27.88 -13.10
N HIS A 447 -3.93 26.67 -13.54
CA HIS A 447 -5.10 25.93 -13.07
C HIS A 447 -4.70 25.14 -11.83
N CYS A 448 -5.26 25.50 -10.69
CA CYS A 448 -4.99 24.81 -9.43
C CYS A 448 -6.22 24.03 -9.02
N PRO A 449 -6.18 22.70 -9.02
CA PRO A 449 -7.37 21.92 -8.65
C PRO A 449 -7.79 22.18 -7.21
N LEU A 450 -9.09 22.10 -6.97
CA LEU A 450 -9.65 22.25 -5.63
C LEU A 450 -10.27 20.97 -5.08
N ALA A 451 -10.68 20.05 -5.95
CA ALA A 451 -11.30 18.81 -5.53
C ALA A 451 -11.26 17.84 -6.69
N TRP A 452 -11.69 16.62 -6.44
CA TRP A 452 -11.78 15.63 -7.50
C TRP A 452 -12.78 14.55 -7.12
N GLY A 453 -13.19 13.78 -8.12
CA GLY A 453 -14.15 12.71 -7.90
C GLY A 453 -14.11 11.74 -9.06
N ASN A 454 -14.79 10.61 -8.87
CA ASN A 454 -14.90 9.58 -9.90
C ASN A 454 -16.26 8.93 -9.79
N ILE A 455 -16.86 8.62 -10.94
CA ILE A 455 -18.17 7.98 -10.99
C ILE A 455 -18.12 6.85 -12.00
N ASN A 456 -18.44 5.64 -11.56
CA ASN A 456 -18.62 4.53 -12.48
C ASN A 456 -19.88 4.74 -13.31
N LEU A 457 -19.77 4.58 -14.63
CA LEU A 457 -20.93 4.77 -15.49
C LEU A 457 -21.83 3.55 -15.54
N PHE A 458 -21.35 2.40 -15.07
CA PHE A 458 -22.13 1.17 -15.03
C PHE A 458 -22.16 0.66 -13.59
N ASP A 459 -23.37 0.46 -13.05
CA ASP A 459 -23.50 -0.06 -11.70
C ASP A 459 -22.99 -1.50 -11.63
N TYR A 460 -22.91 -2.02 -10.41
CA TYR A 460 -22.37 -3.37 -10.22
C TYR A 460 -23.24 -4.44 -10.87
N THR A 461 -24.48 -4.09 -11.24
CA THR A 461 -25.40 -5.03 -11.88
C THR A 461 -25.55 -4.76 -13.38
N ASP A 462 -24.50 -4.23 -14.01
CA ASP A 462 -24.50 -3.95 -15.45
C ASP A 462 -25.68 -3.04 -15.83
N THR A 463 -25.67 -1.83 -15.29
CA THR A 463 -26.73 -0.87 -15.54
C THR A 463 -26.13 0.52 -15.65
N LEU A 464 -26.36 1.19 -16.77
CA LEU A 464 -25.88 2.56 -16.95
C LEU A 464 -26.59 3.48 -15.97
N VAL A 465 -25.82 4.40 -15.38
CA VAL A 465 -26.38 5.32 -14.40
C VAL A 465 -27.40 6.23 -15.07
N SER A 466 -28.45 6.58 -14.33
CA SER A 466 -29.49 7.45 -14.84
C SER A 466 -30.04 8.29 -13.69
N GLY A 467 -30.64 9.41 -14.06
CA GLY A 467 -31.25 10.30 -13.08
C GLY A 467 -30.22 11.14 -12.34
N LYS A 468 -30.73 12.12 -11.59
CA LYS A 468 -29.87 13.03 -10.86
C LYS A 468 -29.04 12.27 -9.82
N MET A 469 -27.78 12.64 -9.70
CA MET A 469 -26.85 12.03 -8.74
C MET A 469 -26.08 13.12 -8.04
N ALA A 470 -25.89 12.96 -6.73
CA ALA A 470 -25.12 13.88 -5.91
C ALA A 470 -23.83 13.21 -5.46
N LEU A 471 -22.71 13.87 -5.71
CA LEU A 471 -21.40 13.34 -5.39
C LEU A 471 -20.65 14.29 -4.48
N ASN A 472 -19.91 13.73 -3.52
CA ASN A 472 -19.07 14.50 -2.62
C ASN A 472 -17.62 14.39 -3.07
N LEU A 473 -16.93 15.53 -3.15
CA LEU A 473 -15.64 15.62 -3.79
C LEU A 473 -14.52 15.59 -2.76
N TRP A 474 -13.55 14.72 -2.98
CA TRP A 474 -12.39 14.61 -2.10
C TRP A 474 -11.48 15.82 -2.29
N PRO A 475 -10.60 16.09 -1.33
CA PRO A 475 -9.56 17.10 -1.55
C PRO A 475 -8.39 16.52 -2.33
N VAL A 476 -7.71 17.41 -3.05
CA VAL A 476 -6.62 16.97 -3.93
C VAL A 476 -5.47 16.41 -3.08
N PRO A 477 -4.90 15.27 -3.45
CA PRO A 477 -3.80 14.70 -2.66
C PRO A 477 -2.55 15.56 -2.74
N HIS A 478 -1.73 15.45 -1.70
CA HIS A 478 -0.50 16.21 -1.63
C HIS A 478 0.47 15.76 -2.71
N GLY A 479 1.15 16.73 -3.33
CA GLY A 479 2.15 16.42 -4.34
C GLY A 479 1.59 15.95 -5.67
N LEU A 480 0.35 16.29 -5.98
CA LEU A 480 -0.28 15.94 -7.24
C LEU A 480 -0.59 17.20 -8.02
N GLU A 481 -0.17 17.24 -9.29
CA GLU A 481 -0.30 18.42 -10.11
C GLU A 481 -1.36 18.30 -11.20
N ASP A 482 -1.74 17.09 -11.58
CA ASP A 482 -2.72 16.91 -12.64
C ASP A 482 -4.07 17.47 -12.21
N LEU A 483 -4.78 18.06 -13.17
CA LEU A 483 -6.10 18.61 -12.85
C LEU A 483 -7.07 17.49 -12.46
N LEU A 484 -6.99 16.34 -13.14
CA LEU A 484 -7.79 15.18 -12.81
C LEU A 484 -6.97 14.15 -12.04
N ASN A 485 -7.68 13.25 -11.37
CA ASN A 485 -7.07 12.14 -10.62
C ASN A 485 -7.71 10.85 -11.09
N PRO A 486 -7.34 10.34 -12.26
CA PRO A 486 -7.90 9.07 -12.74
C PRO A 486 -7.53 7.88 -11.86
N ILE A 487 -6.48 8.00 -11.03
CA ILE A 487 -6.06 6.90 -10.18
C ILE A 487 -6.89 6.80 -8.90
N GLY A 488 -7.59 7.85 -8.53
CA GLY A 488 -8.37 7.83 -7.30
C GLY A 488 -9.50 6.83 -7.35
N VAL A 489 -9.93 6.40 -6.16
CA VAL A 489 -10.94 5.37 -6.03
C VAL A 489 -12.31 5.97 -6.31
N THR A 490 -13.09 5.27 -7.14
CA THR A 490 -14.44 5.71 -7.47
C THR A 490 -15.31 5.67 -6.22
N GLY A 491 -15.97 6.80 -5.93
CA GLY A 491 -16.83 6.84 -4.77
C GLY A 491 -17.12 8.28 -4.38
N SER A 492 -17.67 8.44 -3.18
CA SER A 492 -18.05 9.73 -2.64
C SER A 492 -17.42 9.91 -1.27
N ASN A 493 -17.13 11.15 -0.92
CA ASN A 493 -16.53 11.45 0.37
C ASN A 493 -17.57 11.27 1.47
N PRO A 494 -17.36 10.38 2.43
CA PRO A 494 -18.33 10.23 3.52
C PRO A 494 -18.54 11.48 4.35
N ASN A 495 -17.50 12.32 4.50
CA ASN A 495 -17.61 13.52 5.32
C ASN A 495 -18.60 14.50 4.71
N LYS A 496 -19.18 15.34 5.57
CA LYS A 496 -20.17 16.33 5.18
C LYS A 496 -19.64 17.74 5.32
N GLU A 497 -18.36 17.93 5.01
CA GLU A 497 -17.71 19.24 5.02
C GLU A 497 -16.83 19.39 3.78
N THR A 498 -17.26 18.82 2.67
CA THR A 498 -16.50 18.75 1.44
C THR A 498 -17.34 19.31 0.30
N PRO A 499 -16.70 19.76 -0.79
CA PRO A 499 -17.47 20.21 -1.95
C PRO A 499 -18.40 19.12 -2.46
N CYS A 500 -19.61 19.52 -2.83
CA CYS A 500 -20.63 18.61 -3.33
C CYS A 500 -21.04 19.06 -4.73
N LEU A 501 -21.04 18.13 -5.67
CA LEU A 501 -21.40 18.40 -7.05
C LEU A 501 -22.70 17.68 -7.39
N GLU A 502 -23.55 18.35 -8.14
CA GLU A 502 -24.82 17.77 -8.59
C GLU A 502 -24.73 17.47 -10.08
N LEU A 503 -24.97 16.21 -10.43
CA LEU A 503 -24.94 15.77 -11.81
C LEU A 503 -26.33 15.29 -12.22
N GLU A 504 -26.56 15.26 -13.52
CA GLU A 504 -27.77 14.69 -14.09
C GLU A 504 -27.39 13.96 -15.37
N PHE A 505 -27.91 12.74 -15.54
CA PHE A 505 -27.59 11.91 -16.68
C PHE A 505 -28.82 11.75 -17.57
N ASP A 506 -28.57 11.46 -18.84
CA ASP A 506 -29.66 11.29 -19.79
C ASP A 506 -30.47 10.03 -19.46
N TRP A 507 -31.79 10.14 -19.65
CA TRP A 507 -32.71 9.05 -19.35
C TRP A 507 -33.35 8.61 -20.66
N PHE A 508 -33.23 7.31 -20.96
CA PHE A 508 -33.68 6.77 -22.24
C PHE A 508 -35.00 6.03 -22.14
N SER A 509 -35.91 6.50 -21.30
CA SER A 509 -37.26 5.96 -21.13
C SER A 509 -37.26 4.52 -20.63
N SER A 510 -36.10 3.98 -20.26
CA SER A 510 -36.01 2.62 -19.76
C SER A 510 -34.64 2.45 -19.10
N VAL A 511 -34.47 1.33 -18.43
CA VAL A 511 -33.20 1.01 -17.78
C VAL A 511 -32.23 0.48 -18.83
N VAL A 512 -31.05 1.08 -18.89
CA VAL A 512 -30.05 0.72 -19.89
C VAL A 512 -29.08 -0.29 -19.27
N LYS A 513 -28.94 -1.44 -19.92
CA LYS A 513 -28.15 -2.55 -19.41
C LYS A 513 -27.02 -2.85 -20.39
N PHE A 514 -25.81 -3.00 -19.86
CA PHE A 514 -24.69 -3.39 -20.70
C PHE A 514 -24.94 -4.77 -21.30
N PRO A 515 -24.57 -5.00 -22.56
CA PRO A 515 -24.91 -6.26 -23.21
C PRO A 515 -24.29 -7.47 -22.51
N ASP A 516 -24.99 -8.59 -22.61
CA ASP A 516 -24.50 -9.85 -22.05
C ASP A 516 -23.46 -10.46 -22.98
N MET A 517 -23.09 -11.72 -22.72
CA MET A 517 -22.15 -12.40 -23.59
C MET A 517 -22.73 -12.63 -24.98
N SER A 518 -24.01 -12.99 -25.07
CA SER A 518 -24.60 -13.31 -26.37
C SER A 518 -24.58 -12.09 -27.29
N VAL A 519 -24.91 -10.91 -26.75
CA VAL A 519 -24.95 -9.71 -27.59
C VAL A 519 -23.55 -9.31 -28.02
N ILE A 520 -22.56 -9.45 -27.13
CA ILE A 520 -21.19 -9.13 -27.50
C ILE A 520 -20.64 -10.17 -28.47
N GLU A 521 -20.95 -11.45 -28.24
CA GLU A 521 -20.44 -12.50 -29.11
C GLU A 521 -21.00 -12.36 -30.53
N GLU A 522 -22.29 -12.06 -30.66
CA GLU A 522 -22.88 -11.90 -31.98
C GLU A 522 -22.34 -10.68 -32.72
N HIS A 523 -21.87 -9.67 -31.99
CA HIS A 523 -21.22 -8.54 -32.64
C HIS A 523 -19.94 -8.99 -33.33
N ALA A 524 -19.14 -9.81 -32.67
CA ALA A 524 -17.98 -10.41 -33.32
C ALA A 524 -18.44 -11.45 -34.33
N ASN A 525 -17.58 -11.71 -35.31
CA ASN A 525 -17.80 -12.63 -36.42
C ASN A 525 -18.88 -12.15 -37.38
N TRP A 526 -19.52 -11.01 -37.10
CA TRP A 526 -20.55 -10.48 -37.99
C TRP A 526 -19.97 -9.53 -39.04
N SER A 527 -18.97 -8.73 -38.64
CA SER A 527 -18.39 -7.76 -39.57
C SER A 527 -17.73 -8.46 -40.76
N VAL A 528 -17.01 -9.55 -40.50
CA VAL A 528 -16.37 -10.32 -41.56
C VAL A 528 -16.83 -11.78 -41.50
N LEU A 551 2.59 -19.11 -40.00
CA LEU A 551 2.11 -18.91 -41.36
C LEU A 551 2.53 -17.54 -41.89
N ARG A 552 3.76 -17.15 -41.55
CA ARG A 552 4.30 -15.86 -41.97
C ARG A 552 5.74 -16.08 -42.42
N GLU A 553 6.44 -14.99 -42.72
CA GLU A 553 7.81 -15.06 -43.24
C GLU A 553 8.83 -14.48 -42.27
N ASN A 554 8.68 -13.21 -41.88
CA ASN A 554 9.67 -12.58 -41.01
C ASN A 554 9.08 -11.76 -39.87
N ASP A 555 7.77 -11.49 -39.86
CA ASP A 555 7.19 -10.69 -38.80
C ASP A 555 7.21 -11.37 -37.44
N LYS A 556 7.49 -12.67 -37.39
CA LYS A 556 7.62 -13.34 -36.10
C LYS A 556 8.75 -12.75 -35.28
N GLU A 557 9.85 -12.36 -35.94
CA GLU A 557 10.96 -11.73 -35.23
C GLU A 557 10.53 -10.41 -34.60
N GLN A 558 9.74 -9.63 -35.32
CA GLN A 558 9.25 -8.37 -34.75
C GLN A 558 8.28 -8.62 -33.59
N LEU A 559 7.42 -9.64 -33.72
CA LEU A 559 6.50 -9.96 -32.64
C LEU A 559 7.25 -10.41 -31.39
N LYS A 560 8.30 -11.22 -31.56
CA LYS A 560 9.12 -11.62 -30.43
C LYS A 560 9.81 -10.41 -29.80
N ALA A 561 10.31 -9.50 -30.64
CA ALA A 561 11.01 -8.33 -30.12
C ALA A 561 10.06 -7.41 -29.36
N ILE A 562 8.81 -7.31 -29.80
CA ILE A 562 7.84 -6.47 -29.11
C ILE A 562 7.56 -7.00 -27.72
N SER A 563 7.39 -8.32 -27.60
CA SER A 563 6.98 -8.92 -26.33
C SER A 563 8.09 -8.86 -25.27
N THR A 564 9.33 -8.66 -25.67
CA THR A 564 10.45 -8.68 -24.73
C THR A 564 10.81 -7.32 -24.18
N ARG A 565 10.07 -6.27 -24.54
CA ARG A 565 10.37 -4.94 -24.04
C ARG A 565 9.68 -4.68 -22.70
N ASP A 566 10.00 -3.54 -22.12
CA ASP A 566 9.42 -3.15 -20.85
C ASP A 566 7.93 -2.82 -21.03
N PRO A 567 7.13 -2.98 -19.98
CA PRO A 567 5.74 -2.51 -20.04
C PRO A 567 5.64 -1.01 -20.26
N LEU A 568 6.61 -0.24 -19.76
CA LEU A 568 6.62 1.21 -19.93
C LEU A 568 7.45 1.66 -21.12
N SER A 569 7.81 0.73 -22.01
CA SER A 569 8.68 1.06 -23.14
C SER A 569 7.94 1.93 -24.15
N GLU A 570 8.66 2.30 -25.21
CA GLU A 570 8.13 3.20 -26.24
C GLU A 570 7.26 2.40 -27.20
N ILE A 571 5.95 2.55 -27.09
CA ILE A 571 5.02 1.93 -28.02
C ILE A 571 4.61 2.97 -29.05
N THR A 572 4.76 2.63 -30.33
CA THR A 572 4.54 3.57 -31.42
C THR A 572 3.28 3.18 -32.19
N GLU A 573 2.73 4.16 -32.91
CA GLU A 573 1.50 3.93 -33.65
C GLU A 573 1.67 2.88 -34.75
N GLN A 574 2.90 2.68 -35.23
CA GLN A 574 3.13 1.64 -36.22
C GLN A 574 3.13 0.26 -35.59
N GLU A 575 3.61 0.14 -34.35
CA GLU A 575 3.57 -1.13 -33.66
C GLU A 575 2.15 -1.52 -33.28
N LYS A 576 1.37 -0.56 -32.77
CA LYS A 576 -0.01 -0.84 -32.40
C LYS A 576 -0.83 -1.29 -33.60
N ASP A 577 -0.63 -0.65 -34.75
CA ASP A 577 -1.26 -1.10 -35.97
C ASP A 577 -0.77 -2.50 -36.34
N PHE A 578 0.55 -2.72 -36.21
CA PHE A 578 1.12 -4.02 -36.54
C PHE A 578 0.58 -5.12 -35.64
N LEU A 579 0.49 -4.85 -34.34
CA LEU A 579 0.02 -5.87 -33.39
C LEU A 579 -1.42 -6.24 -33.68
N TRP A 580 -2.29 -5.23 -33.84
CA TRP A 580 -3.71 -5.52 -34.04
C TRP A 580 -3.96 -6.23 -35.36
N SER A 581 -3.20 -5.90 -36.39
CA SER A 581 -3.37 -6.58 -37.68
C SER A 581 -2.95 -8.04 -37.60
N HIS A 582 -1.99 -8.36 -36.75
CA HIS A 582 -1.48 -9.72 -36.57
C HIS A 582 -1.87 -10.28 -35.21
N ARG A 583 -3.08 -9.97 -34.74
CA ARG A 583 -3.50 -10.43 -33.43
C ARG A 583 -3.78 -11.93 -33.40
N HIS A 584 -4.14 -12.52 -34.55
CA HIS A 584 -4.46 -13.94 -34.59
C HIS A 584 -3.22 -14.81 -34.47
N TYR A 585 -2.05 -14.28 -34.83
CA TYR A 585 -0.79 -14.98 -34.64
C TYR A 585 -0.10 -14.60 -33.34
N CYS A 586 -0.69 -13.71 -32.55
CA CYS A 586 -0.15 -13.35 -31.25
C CYS A 586 -0.49 -14.36 -30.16
N VAL A 587 -1.41 -15.30 -30.43
CA VAL A 587 -1.74 -16.31 -29.44
C VAL A 587 -0.59 -17.28 -29.25
N THR A 588 0.23 -17.50 -30.28
CA THR A 588 1.38 -18.38 -30.18
C THR A 588 2.46 -17.82 -29.27
N ILE A 589 2.37 -16.55 -28.89
CA ILE A 589 3.32 -15.94 -27.95
C ILE A 589 2.50 -15.35 -26.81
N PRO A 590 2.12 -16.17 -25.82
CA PRO A 590 1.18 -15.71 -24.79
C PRO A 590 1.67 -14.53 -23.97
N GLU A 591 2.99 -14.30 -23.89
CA GLU A 591 3.51 -13.19 -23.11
C GLU A 591 3.23 -11.83 -23.75
N ILE A 592 2.71 -11.81 -24.98
CA ILE A 592 2.46 -10.55 -25.69
C ILE A 592 1.12 -9.94 -25.34
N LEU A 593 0.31 -10.60 -24.51
CA LEU A 593 -1.02 -10.08 -24.18
C LEU A 593 -1.00 -8.69 -23.55
N PRO A 594 -0.17 -8.39 -22.55
CA PRO A 594 -0.18 -7.03 -22.00
C PRO A 594 0.15 -5.97 -23.04
N LYS A 595 0.97 -6.30 -24.04
CA LYS A 595 1.26 -5.36 -25.12
C LYS A 595 0.11 -5.25 -26.10
N LEU A 596 -0.63 -6.34 -26.33
CA LEU A 596 -1.72 -6.31 -27.29
C LEU A 596 -2.94 -5.57 -26.76
N LEU A 597 -3.17 -5.62 -25.45
CA LEU A 597 -4.27 -4.86 -24.86
C LEU A 597 -4.04 -3.36 -24.98
N LEU A 598 -2.78 -2.93 -24.97
CA LEU A 598 -2.48 -1.52 -25.23
C LEU A 598 -2.78 -1.14 -26.67
N SER A 599 -2.86 -2.10 -27.57
CA SER A 599 -3.12 -1.84 -28.98
C SER A 599 -4.61 -1.82 -29.32
N VAL A 600 -5.48 -2.15 -28.38
CA VAL A 600 -6.92 -2.17 -28.62
C VAL A 600 -7.47 -0.78 -28.33
N LYS A 601 -8.43 -0.35 -29.14
CA LYS A 601 -9.12 0.92 -28.95
C LYS A 601 -10.50 0.65 -28.36
N TRP A 602 -10.72 1.09 -27.13
CA TRP A 602 -11.99 0.89 -26.45
C TRP A 602 -13.04 1.92 -26.85
N ASN A 603 -12.67 2.93 -27.64
CA ASN A 603 -13.63 3.89 -28.16
C ASN A 603 -14.57 3.30 -29.19
N SER A 604 -14.28 2.09 -29.69
CA SER A 604 -15.12 1.43 -30.68
C SER A 604 -15.51 0.07 -30.17
N ARG A 605 -16.78 -0.29 -30.35
CA ARG A 605 -17.28 -1.58 -29.93
C ARG A 605 -17.00 -2.68 -30.94
N ASP A 606 -16.58 -2.34 -32.15
CA ASP A 606 -16.26 -3.36 -33.15
C ASP A 606 -14.99 -4.11 -32.76
N GLU A 607 -13.93 -3.38 -32.41
CA GLU A 607 -12.68 -4.03 -32.05
C GLU A 607 -12.71 -4.58 -30.63
N VAL A 608 -13.47 -3.96 -29.73
CA VAL A 608 -13.59 -4.49 -28.37
C VAL A 608 -14.28 -5.85 -28.40
N ALA A 609 -15.34 -5.98 -29.19
CA ALA A 609 -16.04 -7.27 -29.29
C ALA A 609 -15.13 -8.34 -29.90
N GLN A 610 -14.27 -7.94 -30.85
CA GLN A 610 -13.37 -8.90 -31.47
C GLN A 610 -12.27 -9.33 -30.53
N MET A 611 -11.87 -8.46 -29.59
CA MET A 611 -10.81 -8.81 -28.66
C MET A 611 -11.32 -9.73 -27.55
N TYR A 612 -12.59 -9.58 -27.15
CA TYR A 612 -13.15 -10.47 -26.14
C TYR A 612 -13.10 -11.93 -26.59
N CYS A 613 -13.17 -12.17 -27.89
CA CYS A 613 -13.06 -13.55 -28.39
C CYS A 613 -11.67 -14.11 -28.13
N LEU A 614 -10.63 -13.30 -28.31
CA LEU A 614 -9.27 -13.79 -28.12
C LEU A 614 -8.96 -14.02 -26.64
N VAL A 615 -9.31 -13.06 -25.79
CA VAL A 615 -9.04 -13.18 -24.36
C VAL A 615 -9.76 -14.38 -23.77
N LYS A 616 -10.88 -14.78 -24.38
CA LYS A 616 -11.63 -15.93 -23.90
C LYS A 616 -10.80 -17.21 -23.98
N ASP A 617 -10.05 -17.39 -25.07
CA ASP A 617 -9.28 -18.60 -25.31
C ASP A 617 -7.78 -18.29 -25.40
N TRP A 618 -7.29 -17.42 -24.54
CA TRP A 618 -5.87 -17.14 -24.50
C TRP A 618 -5.14 -18.23 -23.72
N PRO A 619 -3.98 -18.67 -24.18
CA PRO A 619 -3.17 -19.62 -23.40
C PRO A 619 -2.76 -19.00 -22.08
N PRO A 620 -2.74 -19.79 -21.00
CA PRO A 620 -2.35 -19.24 -19.69
C PRO A 620 -0.92 -18.75 -19.71
N ILE A 621 -0.67 -17.69 -18.94
CA ILE A 621 0.64 -17.07 -18.86
C ILE A 621 1.22 -17.26 -17.47
N LYS A 622 2.46 -16.86 -17.29
CA LYS A 622 3.16 -17.05 -16.03
C LYS A 622 2.54 -16.18 -14.94
N PRO A 623 2.61 -16.61 -13.68
CA PRO A 623 2.00 -15.81 -12.60
C PRO A 623 2.64 -14.45 -12.42
N GLU A 624 3.92 -14.31 -12.78
CA GLU A 624 4.58 -13.01 -12.67
C GLU A 624 4.19 -12.07 -13.80
N GLN A 625 3.65 -12.60 -14.89
CA GLN A 625 3.15 -11.79 -16.00
C GLN A 625 1.65 -11.56 -15.93
N ALA A 626 0.90 -12.47 -15.31
CA ALA A 626 -0.53 -12.25 -15.12
C ALA A 626 -0.81 -11.23 -14.02
N MET A 627 0.17 -10.99 -13.14
CA MET A 627 0.03 -9.91 -12.18
C MET A 627 0.11 -8.55 -12.86
N GLU A 628 0.73 -8.49 -14.05
CA GLU A 628 0.78 -7.24 -14.80
C GLU A 628 -0.61 -6.78 -15.20
N LEU A 629 -1.49 -7.71 -15.58
CA LEU A 629 -2.85 -7.38 -16.00
C LEU A 629 -3.71 -6.86 -14.87
N LEU A 630 -3.30 -7.07 -13.61
CA LEU A 630 -4.04 -6.57 -12.46
C LEU A 630 -3.69 -5.12 -12.12
N ASP A 631 -2.92 -4.46 -12.97
CA ASP A 631 -2.48 -3.10 -12.71
C ASP A 631 -3.62 -2.12 -12.95
N CYS A 632 -3.29 -0.83 -12.86
CA CYS A 632 -4.28 0.21 -13.10
C CYS A 632 -4.60 0.38 -14.58
N ASN A 633 -3.62 0.12 -15.45
CA ASN A 633 -3.80 0.35 -16.88
C ASN A 633 -4.82 -0.60 -17.51
N TYR A 634 -5.16 -1.70 -16.85
CA TYR A 634 -6.08 -2.70 -17.40
C TYR A 634 -7.30 -2.78 -16.49
N PRO A 635 -8.34 -1.99 -16.77
CA PRO A 635 -9.52 -1.97 -15.90
C PRO A 635 -10.67 -2.86 -16.33
N ASP A 636 -10.54 -3.57 -17.44
CA ASP A 636 -11.67 -4.31 -17.97
C ASP A 636 -11.97 -5.52 -17.08
N PRO A 637 -13.26 -5.85 -16.89
CA PRO A 637 -13.59 -7.06 -16.11
C PRO A 637 -13.04 -8.34 -16.70
N MET A 638 -12.95 -8.45 -18.03
CA MET A 638 -12.46 -9.68 -18.64
C MET A 638 -10.95 -9.83 -18.46
N VAL A 639 -10.21 -8.74 -18.64
CA VAL A 639 -8.76 -8.80 -18.50
C VAL A 639 -8.39 -9.09 -17.05
N ARG A 640 -9.04 -8.40 -16.11
CA ARG A 640 -8.77 -8.66 -14.70
C ARG A 640 -9.35 -10.00 -14.27
N GLY A 641 -10.46 -10.43 -14.87
CA GLY A 641 -10.96 -11.77 -14.61
C GLY A 641 -10.05 -12.85 -15.16
N PHE A 642 -9.46 -12.61 -16.33
CA PHE A 642 -8.51 -13.56 -16.89
C PHE A 642 -7.25 -13.67 -16.04
N ALA A 643 -6.76 -12.53 -15.53
CA ALA A 643 -5.53 -12.54 -14.76
C ALA A 643 -5.67 -13.36 -13.49
N VAL A 644 -6.81 -13.24 -12.80
CA VAL A 644 -7.03 -14.02 -11.58
C VAL A 644 -7.12 -15.50 -11.90
N ARG A 645 -7.71 -15.86 -13.05
CA ARG A 645 -7.80 -17.26 -13.43
C ARG A 645 -6.43 -17.90 -13.57
N CYS A 646 -5.43 -17.11 -13.98
CA CYS A 646 -4.06 -17.61 -14.03
C CYS A 646 -3.48 -17.71 -12.62
N LEU A 647 -3.79 -16.74 -11.76
CA LEU A 647 -3.26 -16.73 -10.40
C LEU A 647 -3.77 -17.92 -9.59
N GLU A 648 -5.05 -18.26 -9.74
CA GLU A 648 -5.63 -19.35 -8.96
C GLU A 648 -4.96 -20.69 -9.27
N LYS A 649 -4.46 -20.87 -10.50
CA LYS A 649 -3.84 -22.12 -10.90
C LYS A 649 -2.32 -22.11 -10.76
N TYR A 650 -1.69 -20.95 -10.76
CA TYR A 650 -0.24 -20.84 -10.86
C TYR A 650 0.42 -20.27 -9.62
N LEU A 651 -0.12 -19.22 -9.02
CA LEU A 651 0.50 -18.60 -7.87
C LEU A 651 0.45 -19.53 -6.66
N THR A 652 1.60 -19.74 -6.02
CA THR A 652 1.72 -20.67 -4.91
C THR A 652 1.65 -19.92 -3.59
N ASP A 653 1.77 -20.67 -2.49
CA ASP A 653 1.64 -20.08 -1.16
C ASP A 653 2.84 -19.20 -0.83
N ASP A 654 4.06 -19.64 -1.19
CA ASP A 654 5.24 -18.87 -0.84
C ASP A 654 5.38 -17.63 -1.71
N LYS A 655 5.02 -17.74 -3.00
CA LYS A 655 5.02 -16.57 -3.86
C LYS A 655 3.96 -15.57 -3.43
N LEU A 656 2.81 -16.08 -2.99
CA LEU A 656 1.73 -15.20 -2.54
C LEU A 656 2.17 -14.39 -1.32
N SER A 657 2.90 -15.01 -0.40
CA SER A 657 3.37 -14.29 0.77
C SER A 657 4.35 -13.20 0.40
N GLN A 658 5.19 -13.44 -0.61
CA GLN A 658 6.12 -12.41 -1.07
C GLN A 658 5.38 -11.24 -1.71
N TYR A 659 4.39 -11.52 -2.55
CA TYR A 659 3.64 -10.50 -3.27
C TYR A 659 2.33 -10.13 -2.58
N LEU A 660 2.29 -10.23 -1.26
CA LEU A 660 1.07 -9.90 -0.53
C LEU A 660 0.86 -8.40 -0.41
N ILE A 661 1.95 -7.63 -0.31
CA ILE A 661 1.82 -6.18 -0.20
C ILE A 661 1.23 -5.60 -1.48
N GLN A 662 1.67 -6.11 -2.64
CA GLN A 662 1.19 -5.58 -3.92
C GLN A 662 -0.24 -6.04 -4.21
N LEU A 663 -0.54 -7.31 -3.93
CA LEU A 663 -1.88 -7.82 -4.21
C LEU A 663 -2.94 -7.11 -3.37
N VAL A 664 -2.58 -6.66 -2.18
CA VAL A 664 -3.49 -5.82 -1.41
C VAL A 664 -3.63 -4.45 -2.05
N GLN A 665 -2.55 -3.95 -2.66
CA GLN A 665 -2.59 -2.62 -3.27
C GLN A 665 -3.39 -2.58 -4.56
N VAL A 666 -3.57 -3.71 -5.23
CA VAL A 666 -4.37 -3.75 -6.46
C VAL A 666 -5.79 -4.13 -6.10
N LEU A 667 -6.10 -4.12 -4.80
CA LEU A 667 -7.47 -4.32 -4.34
C LEU A 667 -8.25 -3.03 -4.25
N LYS A 668 -7.62 -1.90 -4.54
CA LYS A 668 -8.32 -0.62 -4.66
C LYS A 668 -8.54 -0.20 -6.10
N TYR A 669 -7.73 -0.70 -7.04
CA TYR A 669 -7.94 -0.40 -8.45
C TYR A 669 -9.18 -1.07 -9.00
N GLU A 670 -9.71 -2.08 -8.32
CA GLU A 670 -10.99 -2.64 -8.72
C GLU A 670 -12.11 -1.64 -8.43
N GLN A 671 -13.17 -1.74 -9.21
CA GLN A 671 -14.26 -0.77 -9.12
C GLN A 671 -15.48 -1.28 -8.37
N TYR A 672 -15.70 -2.59 -8.36
CA TYR A 672 -16.84 -3.18 -7.67
C TYR A 672 -16.35 -4.06 -6.53
N LEU A 673 -17.13 -4.09 -5.45
CA LEU A 673 -16.73 -4.81 -4.24
C LEU A 673 -16.78 -6.32 -4.45
N ASP A 674 -17.68 -6.81 -5.29
CA ASP A 674 -17.82 -8.24 -5.54
C ASP A 674 -16.97 -8.75 -6.69
N ASN A 675 -15.70 -8.36 -6.71
CA ASN A 675 -14.78 -8.72 -7.77
C ASN A 675 -14.31 -10.16 -7.61
N LEU A 676 -13.41 -10.58 -8.51
CA LEU A 676 -12.85 -11.92 -8.45
C LEU A 676 -11.59 -12.01 -7.61
N LEU A 677 -10.91 -10.87 -7.38
CA LEU A 677 -9.69 -10.90 -6.57
C LEU A 677 -10.01 -11.14 -5.10
N VAL A 678 -11.05 -10.48 -4.58
CA VAL A 678 -11.44 -10.69 -3.19
C VAL A 678 -11.86 -12.13 -2.96
N ARG A 679 -12.66 -12.69 -3.88
CA ARG A 679 -13.04 -14.09 -3.75
C ARG A 679 -11.86 -15.04 -3.95
N PHE A 680 -10.73 -14.53 -4.44
CA PHE A 680 -9.51 -15.34 -4.53
C PHE A 680 -8.58 -15.07 -3.37
N LEU A 681 -8.44 -13.81 -2.94
CA LEU A 681 -7.59 -13.50 -1.80
C LEU A 681 -8.15 -14.09 -0.51
N LEU A 682 -9.47 -14.04 -0.33
CA LEU A 682 -10.06 -14.54 0.90
C LEU A 682 -9.98 -16.06 1.01
N LYS A 683 -10.02 -16.77 -0.12
CA LYS A 683 -9.86 -18.22 -0.06
C LYS A 683 -8.50 -18.59 0.51
N LYS A 684 -7.46 -17.84 0.14
CA LYS A 684 -6.12 -18.10 0.68
C LYS A 684 -6.02 -17.66 2.14
N ALA A 685 -6.62 -16.52 2.47
CA ALA A 685 -6.53 -16.01 3.84
C ALA A 685 -7.35 -16.85 4.82
N LEU A 686 -8.30 -17.63 4.34
CA LEU A 686 -9.05 -18.56 5.18
C LEU A 686 -8.53 -19.99 5.07
N THR A 687 -7.36 -20.18 4.46
CA THR A 687 -6.73 -21.48 4.36
C THR A 687 -5.35 -21.50 4.99
N ASN A 688 -4.59 -20.42 4.93
CA ASN A 688 -3.30 -20.30 5.57
C ASN A 688 -3.39 -19.26 6.68
N GLN A 689 -3.02 -19.66 7.91
CA GLN A 689 -2.92 -18.69 8.99
C GLN A 689 -1.70 -17.78 8.81
N ARG A 690 -0.67 -18.27 8.11
CA ARG A 690 0.50 -17.45 7.83
C ARG A 690 0.15 -16.33 6.86
N ILE A 691 -0.61 -16.64 5.80
CA ILE A 691 -1.11 -15.59 4.92
C ILE A 691 -2.17 -14.76 5.63
N GLY A 692 -3.04 -15.42 6.40
CA GLY A 692 -4.08 -14.70 7.11
C GLY A 692 -3.54 -13.72 8.13
N HIS A 693 -2.41 -14.03 8.75
CA HIS A 693 -1.80 -13.12 9.71
C HIS A 693 -1.40 -11.81 9.04
N PHE A 694 -0.84 -11.89 7.84
CA PHE A 694 -0.41 -10.69 7.12
C PHE A 694 -1.53 -10.08 6.28
N PHE A 695 -2.51 -10.88 5.88
CA PHE A 695 -3.70 -10.31 5.25
C PHE A 695 -4.43 -9.38 6.21
N PHE A 696 -4.54 -9.77 7.47
CA PHE A 696 -5.17 -8.91 8.47
C PHE A 696 -4.37 -7.62 8.67
N TRP A 697 -3.06 -7.74 8.87
CA TRP A 697 -2.26 -6.57 9.22
C TRP A 697 -2.09 -5.62 8.03
N HIS A 698 -2.03 -6.17 6.81
CA HIS A 698 -1.94 -5.30 5.65
C HIS A 698 -3.24 -4.54 5.43
N LEU A 699 -4.38 -5.19 5.66
CA LEU A 699 -5.65 -4.50 5.55
C LEU A 699 -5.89 -3.56 6.73
N LYS A 700 -5.44 -3.95 7.92
CA LYS A 700 -5.66 -3.13 9.11
C LYS A 700 -4.88 -1.83 9.06
N SER A 701 -3.71 -1.83 8.41
CA SER A 701 -2.89 -0.63 8.36
C SER A 701 -3.46 0.44 7.44
N GLU A 702 -4.31 0.07 6.49
CA GLU A 702 -4.83 1.00 5.50
C GLU A 702 -6.21 1.52 5.84
N MET A 703 -6.71 1.27 7.05
CA MET A 703 -7.99 1.84 7.45
C MET A 703 -7.87 3.25 8.00
N HIS A 704 -6.66 3.75 8.21
CA HIS A 704 -6.51 5.16 8.57
C HIS A 704 -6.92 6.07 7.42
N ASN A 705 -6.66 5.64 6.18
CA ASN A 705 -7.14 6.39 5.02
C ASN A 705 -8.64 6.23 4.89
N LYS A 706 -9.34 7.34 4.68
CA LYS A 706 -10.79 7.32 4.58
C LYS A 706 -11.29 6.91 3.21
N THR A 707 -10.40 6.76 2.22
CA THR A 707 -10.83 6.37 0.89
C THR A 707 -11.16 4.88 0.82
N VAL A 708 -10.43 4.05 1.55
CA VAL A 708 -10.63 2.61 1.53
C VAL A 708 -10.96 2.07 2.93
N SER A 709 -11.45 2.93 3.81
CA SER A 709 -11.83 2.48 5.15
C SER A 709 -13.06 1.58 5.09
N GLN A 710 -14.05 1.94 4.27
CA GLN A 710 -15.26 1.12 4.18
C GLN A 710 -15.00 -0.14 3.37
N ARG A 711 -14.25 -0.05 2.27
CA ARG A 711 -14.01 -1.22 1.44
C ARG A 711 -13.22 -2.28 2.20
N PHE A 712 -12.19 -1.87 2.94
CA PHE A 712 -11.40 -2.81 3.72
C PHE A 712 -12.06 -3.17 5.04
N GLY A 713 -12.97 -2.34 5.54
CA GLY A 713 -13.70 -2.69 6.74
C GLY A 713 -14.62 -3.88 6.53
N LEU A 714 -15.35 -3.89 5.41
CA LEU A 714 -16.17 -5.04 5.09
C LEU A 714 -15.32 -6.27 4.78
N LEU A 715 -14.09 -6.06 4.34
CA LEU A 715 -13.23 -7.19 3.98
C LEU A 715 -12.72 -7.89 5.22
N LEU A 716 -12.30 -7.12 6.23
CA LEU A 716 -11.80 -7.71 7.47
C LEU A 716 -12.91 -8.25 8.35
N GLU A 717 -14.09 -7.62 8.31
CA GLU A 717 -15.21 -8.11 9.11
C GLU A 717 -15.62 -9.51 8.69
N SER A 718 -15.62 -9.77 7.38
CA SER A 718 -15.95 -11.12 6.90
C SER A 718 -14.82 -12.10 7.18
N TYR A 719 -13.57 -11.63 7.14
CA TYR A 719 -12.44 -12.49 7.45
C TYR A 719 -12.39 -12.79 8.94
N CYS A 720 -12.56 -11.77 9.78
CA CYS A 720 -12.50 -11.97 11.23
C CYS A 720 -13.60 -12.91 11.70
N ARG A 721 -14.77 -12.83 11.07
CA ARG A 721 -15.87 -13.71 11.44
C ARG A 721 -15.53 -15.17 11.19
N ALA A 722 -14.91 -15.47 10.05
CA ALA A 722 -14.60 -16.83 9.65
C ALA A 722 -13.13 -17.19 9.81
N CYS A 723 -12.34 -16.34 10.46
CA CYS A 723 -10.93 -16.66 10.67
C CYS A 723 -10.78 -17.88 11.57
N GLY A 724 -11.64 -18.01 12.58
CA GLY A 724 -11.60 -19.16 13.45
C GLY A 724 -11.24 -18.80 14.87
N MET A 725 -10.32 -19.54 15.46
CA MET A 725 -9.86 -19.25 16.81
C MET A 725 -8.72 -18.24 16.84
N TYR A 726 -8.25 -17.79 15.68
CA TYR A 726 -7.21 -16.76 15.63
C TYR A 726 -7.71 -15.42 16.12
N LEU A 727 -9.01 -15.23 16.28
CA LEU A 727 -9.53 -13.95 16.74
C LEU A 727 -9.10 -13.67 18.18
N LYS A 728 -8.82 -14.70 18.96
CA LYS A 728 -8.31 -14.48 20.31
C LYS A 728 -6.84 -14.08 20.30
N HIS A 729 -6.06 -14.64 19.37
CA HIS A 729 -4.66 -14.25 19.25
C HIS A 729 -4.52 -12.86 18.62
N LEU A 730 -5.33 -12.56 17.61
CA LEU A 730 -5.25 -11.27 16.96
C LEU A 730 -5.79 -10.15 17.84
N ASN A 731 -6.54 -10.48 18.89
CA ASN A 731 -6.98 -9.49 19.86
C ASN A 731 -5.96 -9.26 20.96
N ARG A 732 -5.01 -10.19 21.13
CA ARG A 732 -3.91 -9.96 22.06
C ARG A 732 -2.90 -8.97 21.49
N GLN A 733 -2.62 -9.07 20.18
CA GLN A 733 -1.63 -8.20 19.58
C GLN A 733 -2.16 -6.78 19.39
N VAL A 734 -3.43 -6.64 19.02
CA VAL A 734 -4.01 -5.32 18.84
C VAL A 734 -4.04 -4.57 20.16
N GLU A 735 -4.46 -5.25 21.24
CA GLU A 735 -4.46 -4.63 22.55
C GLU A 735 -3.05 -4.32 23.03
N ALA A 736 -2.11 -5.23 22.78
CA ALA A 736 -0.73 -5.00 23.18
C ALA A 736 -0.11 -3.83 22.43
N MET A 737 -0.39 -3.72 21.13
CA MET A 737 0.14 -2.64 20.31
C MET A 737 -0.62 -1.34 20.48
N GLU A 738 -1.67 -1.31 21.30
CA GLU A 738 -2.39 -0.08 21.61
C GLU A 738 -1.88 0.55 22.91
N LYS A 739 -1.50 -0.27 23.88
CA LYS A 739 -0.85 0.26 25.07
C LYS A 739 0.50 0.88 24.73
N LEU A 740 1.16 0.37 23.69
CA LEU A 740 2.43 0.94 23.26
C LEU A 740 2.24 2.28 22.58
N ILE A 741 1.20 2.41 21.77
CA ILE A 741 0.93 3.67 21.08
C ILE A 741 0.63 4.77 22.10
N ASN A 742 -0.21 4.47 23.09
CA ASN A 742 -0.50 5.43 24.13
C ASN A 742 0.75 5.76 24.94
N LEU A 743 1.58 4.74 25.21
CA LEU A 743 2.82 4.99 25.95
C LEU A 743 3.74 5.92 25.18
N THR A 744 3.87 5.72 23.88
CA THR A 744 4.75 6.56 23.08
C THR A 744 4.14 7.93 22.80
N ASP A 745 2.82 7.99 22.61
CA ASP A 745 2.17 9.25 22.23
C ASP A 745 2.35 10.30 23.31
N ILE A 746 2.07 9.95 24.57
CA ILE A 746 2.31 10.88 25.66
C ILE A 746 3.80 11.09 25.89
N LEU A 747 4.63 10.17 25.41
CA LEU A 747 6.08 10.34 25.51
C LEU A 747 6.60 11.28 24.43
N LYS A 748 5.88 11.43 23.33
CA LYS A 748 6.32 12.30 22.24
C LYS A 748 5.93 13.75 22.47
N GLN A 749 4.64 14.00 22.73
CA GLN A 749 4.13 15.35 22.83
C GLN A 749 4.33 15.97 24.21
N GLU A 750 3.88 15.28 25.26
CA GLU A 750 3.94 15.85 26.60
C GLU A 750 5.34 15.87 27.17
N LYS A 751 6.26 15.07 26.63
CA LYS A 751 7.61 14.97 27.17
C LYS A 751 8.68 15.34 26.13
N LYS A 752 8.31 16.11 25.10
CA LYS A 752 9.30 16.50 24.10
C LYS A 752 10.37 17.40 24.70
N ASP A 753 9.97 18.33 25.57
CA ASP A 753 10.94 19.20 26.23
C ASP A 753 11.81 18.45 27.23
N GLU A 754 11.32 17.34 27.77
CA GLU A 754 12.06 16.61 28.78
C GLU A 754 13.28 15.91 28.17
N THR A 755 14.31 15.72 29.00
CA THR A 755 15.52 15.04 28.58
C THR A 755 15.35 13.53 28.68
N GLN A 756 16.35 12.80 28.18
CA GLN A 756 16.28 11.35 28.16
C GLN A 756 16.34 10.75 29.56
N LYS A 757 17.01 11.43 30.50
CA LYS A 757 17.13 10.89 31.85
C LYS A 757 15.77 10.79 32.53
N VAL A 758 14.98 11.86 32.46
CA VAL A 758 13.64 11.83 33.04
C VAL A 758 12.73 10.90 32.26
N GLN A 759 12.87 10.88 30.94
CA GLN A 759 12.07 9.98 30.11
C GLN A 759 12.34 8.53 30.46
N MET A 760 13.60 8.20 30.76
CA MET A 760 13.94 6.84 31.16
C MET A 760 13.23 6.45 32.45
N LYS A 761 13.21 7.34 33.44
CA LYS A 761 12.52 7.06 34.68
C LYS A 761 11.01 7.17 34.54
N PHE A 762 10.52 7.89 33.54
CA PHE A 762 9.08 7.99 33.33
C PHE A 762 8.52 6.70 32.75
N LEU A 763 9.21 6.11 31.78
CA LEU A 763 8.78 4.83 31.20
C LEU A 763 8.88 3.70 32.22
N VAL A 764 9.82 3.80 33.16
CA VAL A 764 9.95 2.76 34.18
C VAL A 764 8.67 2.68 35.01
N GLU A 765 8.11 3.82 35.39
CA GLU A 765 6.87 3.82 36.16
C GLU A 765 5.68 3.39 35.32
N GLN A 766 5.58 3.91 34.08
CA GLN A 766 4.40 3.63 33.27
C GLN A 766 4.32 2.16 32.86
N MET A 767 5.46 1.54 32.53
CA MET A 767 5.46 0.13 32.18
C MET A 767 5.42 -0.78 33.41
N ARG A 768 5.57 -0.22 34.61
CA ARG A 768 5.50 -1.01 35.83
C ARG A 768 4.07 -1.39 36.19
N ARG A 769 3.09 -0.59 35.76
CA ARG A 769 1.71 -0.83 36.14
C ARG A 769 1.25 -2.20 35.64
N PRO A 770 0.40 -2.88 36.40
CA PRO A 770 -0.11 -4.20 35.97
C PRO A 770 -0.90 -4.15 34.68
N ASP A 771 -1.44 -2.99 34.31
CA ASP A 771 -2.19 -2.88 33.06
C ASP A 771 -1.31 -3.16 31.86
N PHE A 772 -0.08 -2.63 31.87
CA PHE A 772 0.86 -2.91 30.79
C PHE A 772 1.48 -4.29 30.90
N MET A 773 1.72 -4.76 32.13
CA MET A 773 2.36 -6.06 32.30
C MET A 773 1.51 -7.19 31.72
N ASP A 774 0.21 -7.16 31.97
CA ASP A 774 -0.67 -8.20 31.42
C ASP A 774 -0.75 -8.10 29.90
N ALA A 775 -0.82 -6.89 29.37
CA ALA A 775 -1.06 -6.73 27.94
C ALA A 775 0.17 -7.09 27.12
N LEU A 776 1.35 -6.64 27.54
CA LEU A 776 2.58 -6.80 26.76
C LEU A 776 3.34 -8.07 27.15
N GLN A 777 2.66 -9.21 27.17
CA GLN A 777 3.30 -10.46 27.55
C GLN A 777 2.51 -11.62 26.97
N GLY A 778 3.23 -12.67 26.57
CA GLY A 778 2.60 -13.90 26.14
C GLY A 778 1.69 -13.78 24.94
N PHE A 779 2.13 -13.06 23.90
CA PHE A 779 1.37 -12.93 22.67
C PHE A 779 2.29 -13.14 21.48
N LEU A 780 1.72 -13.67 20.39
CA LEU A 780 2.49 -13.89 19.18
C LEU A 780 2.99 -12.56 18.61
N SER A 781 4.21 -12.57 18.11
CA SER A 781 4.79 -11.37 17.55
C SER A 781 4.12 -11.02 16.24
N PRO A 782 3.75 -9.76 16.01
CA PRO A 782 3.16 -9.40 14.71
C PRO A 782 4.10 -9.63 13.53
N LEU A 783 5.40 -9.47 13.73
CA LEU A 783 6.35 -9.60 12.62
C LEU A 783 6.48 -11.04 12.14
N ASN A 784 6.20 -12.00 13.01
CA ASN A 784 6.31 -13.40 12.67
C ASN A 784 5.36 -14.22 13.54
N PRO A 785 4.37 -14.89 12.97
CA PRO A 785 3.46 -15.69 13.80
C PRO A 785 4.14 -16.85 14.51
N ALA A 786 5.32 -17.27 14.06
CA ALA A 786 6.00 -18.39 14.69
C ALA A 786 6.64 -18.03 16.01
N HIS A 787 7.13 -16.79 16.14
CA HIS A 787 7.82 -16.38 17.36
C HIS A 787 6.82 -16.02 18.45
N GLN A 788 7.13 -16.42 19.67
CA GLN A 788 6.34 -16.09 20.85
C GLN A 788 7.11 -15.15 21.74
N LEU A 789 6.42 -14.13 22.26
CA LEU A 789 7.03 -13.12 23.12
C LEU A 789 6.65 -13.42 24.56
N GLY A 790 7.63 -13.85 25.35
CA GLY A 790 7.41 -14.25 26.73
C GLY A 790 7.34 -13.06 27.66
N ASN A 791 7.75 -13.28 28.91
CA ASN A 791 7.71 -12.25 29.93
C ASN A 791 8.60 -11.08 29.53
N LEU A 792 7.99 -9.93 29.30
CA LEU A 792 8.71 -8.74 28.85
C LEU A 792 9.82 -8.39 29.84
N ARG A 793 11.06 -8.55 29.41
CA ARG A 793 12.21 -8.39 30.30
C ARG A 793 12.51 -6.91 30.49
N LEU A 794 12.38 -6.43 31.74
CA LEU A 794 12.52 -5.01 32.03
C LEU A 794 13.95 -4.59 32.32
N GLU A 795 14.89 -5.54 32.46
CA GLU A 795 16.26 -5.15 32.77
C GLU A 795 16.91 -4.38 31.63
N GLU A 796 16.59 -4.74 30.38
CA GLU A 796 17.08 -4.02 29.21
C GLU A 796 15.86 -3.71 28.32
N CYS A 797 15.18 -2.61 28.64
CA CYS A 797 14.05 -2.13 27.84
C CYS A 797 14.02 -0.62 28.02
N ARG A 798 14.64 0.09 27.08
CA ARG A 798 14.85 1.52 27.26
C ARG A 798 14.51 2.25 25.97
N ILE A 799 14.34 3.56 26.10
CA ILE A 799 14.01 4.41 24.96
C ILE A 799 15.29 4.67 24.17
N MET A 800 15.26 4.24 22.91
CA MET A 800 16.42 4.42 22.06
C MET A 800 16.74 5.89 21.94
N SER A 801 17.99 6.24 22.20
CA SER A 801 18.40 7.62 22.05
C SER A 801 18.78 7.86 20.60
N SER A 802 17.80 7.86 19.72
CA SER A 802 18.06 8.02 18.29
C SER A 802 17.30 9.21 17.73
N ALA A 803 16.60 9.01 16.62
CA ALA A 803 15.85 10.11 15.99
C ALA A 803 14.44 10.51 16.38
N LYS A 804 13.52 9.55 16.46
CA LYS A 804 12.13 9.89 16.77
C LYS A 804 11.84 9.16 18.06
N ARG A 805 12.76 9.25 19.03
CA ARG A 805 12.60 8.55 20.32
C ARG A 805 11.95 7.14 20.18
N PRO A 806 12.58 6.16 19.45
CA PRO A 806 11.86 4.89 19.35
C PRO A 806 11.88 4.11 20.66
N LEU A 807 11.35 2.90 20.65
CA LEU A 807 11.34 2.02 21.82
C LEU A 807 12.09 0.74 21.49
N TRP A 808 13.00 0.34 22.38
CA TRP A 808 13.76 -0.89 22.26
C TRP A 808 13.27 -1.85 23.33
N LEU A 809 12.52 -2.86 22.92
CA LEU A 809 11.82 -3.75 23.85
C LEU A 809 12.37 -5.16 23.77
N ASN A 810 12.60 -5.76 24.93
CA ASN A 810 13.11 -7.12 25.05
C ASN A 810 12.01 -8.05 25.53
N TRP A 811 11.85 -9.19 24.85
CA TRP A 811 10.91 -10.22 25.23
C TRP A 811 11.63 -11.55 25.23
N GLU A 812 11.55 -12.28 26.34
CA GLU A 812 12.18 -13.59 26.41
C GLU A 812 11.50 -14.57 25.46
N ASN A 813 12.07 -15.77 25.38
CA ASN A 813 11.52 -16.82 24.52
C ASN A 813 10.90 -17.90 25.39
N PRO A 814 9.57 -18.02 25.43
CA PRO A 814 8.93 -18.98 26.32
C PRO A 814 9.02 -20.43 25.85
N ASP A 815 9.60 -20.68 24.68
CA ASP A 815 9.73 -22.04 24.19
C ASP A 815 10.66 -22.84 25.09
N ILE A 816 10.39 -24.15 25.20
CA ILE A 816 11.18 -25.01 26.07
C ILE A 816 12.63 -25.06 25.60
N MET A 817 12.83 -25.28 24.30
CA MET A 817 14.17 -25.33 23.72
C MET A 817 14.41 -23.98 23.05
N SER A 818 14.80 -23.00 23.86
CA SER A 818 15.01 -21.64 23.38
C SER A 818 16.47 -21.29 23.16
N GLU A 819 17.39 -21.98 23.83
CA GLU A 819 18.81 -21.63 23.74
C GLU A 819 19.40 -21.89 22.37
N LEU A 820 18.69 -22.59 21.48
CA LEU A 820 19.22 -22.91 20.17
C LEU A 820 18.90 -21.87 19.11
N LEU A 821 17.81 -21.11 19.27
CA LEU A 821 17.43 -20.13 18.27
C LEU A 821 17.50 -18.70 18.80
N PHE A 822 16.75 -18.38 19.85
CA PHE A 822 16.61 -17.00 20.35
C PHE A 822 16.57 -17.02 21.87
N GLN A 823 17.29 -16.09 22.49
CA GLN A 823 17.21 -15.91 23.93
C GLN A 823 16.34 -14.73 24.32
N ASN A 824 16.17 -13.75 23.44
CA ASN A 824 15.28 -12.62 23.67
C ASN A 824 14.97 -11.98 22.33
N ASN A 825 13.68 -11.90 21.99
CA ASN A 825 13.25 -11.35 20.71
C ASN A 825 13.17 -9.83 20.84
N GLU A 826 14.25 -9.15 20.44
CA GLU A 826 14.26 -7.70 20.45
C GLU A 826 13.42 -7.15 19.30
N ILE A 827 12.74 -6.04 19.56
CA ILE A 827 11.92 -5.38 18.56
C ILE A 827 11.94 -3.89 18.83
N ILE A 828 12.09 -3.10 17.77
CA ILE A 828 12.04 -1.64 17.87
C ILE A 828 10.66 -1.19 17.44
N PHE A 829 9.99 -0.42 18.29
CA PHE A 829 8.66 0.11 18.01
C PHE A 829 8.81 1.56 17.56
N LYS A 830 8.70 1.78 16.25
CA LYS A 830 8.84 3.10 15.66
C LYS A 830 7.48 3.76 15.58
N ASN A 831 7.30 4.86 16.31
CA ASN A 831 6.08 5.64 16.30
C ASN A 831 6.38 7.02 15.72
N GLY A 832 5.63 7.40 14.70
CA GLY A 832 5.83 8.67 14.04
C GLY A 832 6.66 8.64 12.78
N ASP A 833 7.03 7.45 12.30
CA ASP A 833 7.83 7.30 11.09
C ASP A 833 7.12 6.38 10.11
N ASP A 834 7.14 6.77 8.83
CA ASP A 834 6.46 6.01 7.79
C ASP A 834 7.28 4.76 7.46
N LEU A 835 6.71 3.60 7.71
CA LEU A 835 7.36 2.32 7.46
C LEU A 835 6.93 1.68 6.15
N ARG A 836 6.10 2.36 5.35
CA ARG A 836 5.64 1.77 4.10
C ARG A 836 6.73 1.78 3.05
N GLN A 837 7.53 2.85 3.00
CA GLN A 837 8.64 2.91 2.05
C GLN A 837 9.73 1.92 2.43
N ASP A 838 10.01 1.77 3.72
CA ASP A 838 11.00 0.81 4.18
C ASP A 838 10.53 -0.62 3.92
N MET A 839 9.25 -0.89 4.14
CA MET A 839 8.72 -2.24 3.93
C MET A 839 8.81 -2.64 2.46
N LEU A 840 8.55 -1.70 1.55
CA LEU A 840 8.66 -2.00 0.12
C LEU A 840 10.12 -2.19 -0.28
N THR A 841 11.03 -1.40 0.29
CA THR A 841 12.45 -1.52 -0.04
C THR A 841 12.97 -2.90 0.33
N LEU A 842 12.60 -3.40 1.50
CA LEU A 842 13.08 -4.71 1.95
C LEU A 842 12.44 -5.84 1.15
N GLN A 843 11.29 -5.60 0.54
CA GLN A 843 10.69 -6.62 -0.32
C GLN A 843 11.44 -6.74 -1.64
N ILE A 844 11.86 -5.61 -2.20
CA ILE A 844 12.70 -5.64 -3.40
C ILE A 844 14.03 -6.29 -3.09
N ILE A 845 14.62 -5.95 -1.95
CA ILE A 845 15.89 -6.55 -1.54
C ILE A 845 15.74 -8.07 -1.39
N ARG A 846 14.60 -8.51 -0.84
CA ARG A 846 14.34 -9.95 -0.77
C ARG A 846 14.23 -10.55 -2.16
N ILE A 847 13.57 -9.85 -3.08
CA ILE A 847 13.43 -10.35 -4.44
C ILE A 847 14.78 -10.38 -5.14
N MET A 848 15.59 -9.34 -4.97
CA MET A 848 16.89 -9.29 -5.63
C MET A 848 17.78 -10.43 -5.19
N GLU A 849 17.83 -10.71 -3.88
CA GLU A 849 18.70 -11.77 -3.39
C GLU A 849 18.28 -13.12 -3.93
N ASN A 850 16.97 -13.33 -4.14
CA ASN A 850 16.52 -14.57 -4.75
C ASN A 850 16.99 -14.69 -6.19
N ILE A 851 17.01 -13.58 -6.92
CA ILE A 851 17.46 -13.60 -8.31
C ILE A 851 18.95 -13.94 -8.38
N TRP A 852 19.75 -13.33 -7.52
CA TRP A 852 21.19 -13.58 -7.55
C TRP A 852 21.53 -15.00 -7.12
N GLN A 853 20.94 -15.46 -6.02
CA GLN A 853 21.24 -16.80 -5.52
C GLN A 853 20.80 -17.88 -6.51
N ASN A 854 19.61 -17.72 -7.09
CA ASN A 854 19.12 -18.71 -8.05
C ASN A 854 20.00 -18.75 -9.30
N GLN A 855 20.41 -17.59 -9.79
CA GLN A 855 21.19 -17.54 -11.03
C GLN A 855 22.56 -18.16 -10.84
N GLY A 856 23.17 -18.00 -9.66
CA GLY A 856 24.47 -18.59 -9.40
C GLY A 856 25.35 -17.75 -8.51
N LEU A 857 25.07 -16.46 -8.42
CA LEU A 857 25.82 -15.59 -7.52
C LEU A 857 25.51 -15.95 -6.07
N ASP A 858 26.37 -15.49 -5.17
CA ASP A 858 26.22 -15.76 -3.75
C ASP A 858 26.40 -14.43 -2.99
N LEU A 859 25.64 -13.43 -3.42
CA LEU A 859 25.62 -12.14 -2.77
C LEU A 859 24.65 -12.22 -1.59
N ARG A 860 25.18 -12.16 -0.38
CA ARG A 860 24.40 -12.38 0.84
C ARG A 860 24.11 -11.04 1.51
N MET A 861 22.82 -10.81 1.79
CA MET A 861 22.38 -9.56 2.37
C MET A 861 21.33 -9.85 3.44
N LEU A 862 21.08 -8.86 4.30
CA LEU A 862 20.16 -9.00 5.42
C LEU A 862 18.92 -8.13 5.20
N PRO A 863 17.85 -8.67 4.61
CA PRO A 863 16.54 -8.02 4.69
C PRO A 863 15.86 -8.41 6.00
N TYR A 864 15.79 -7.47 6.92
CA TYR A 864 15.22 -7.75 8.24
C TYR A 864 13.70 -7.63 8.17
N GLY A 865 13.04 -7.73 9.32
CA GLY A 865 11.60 -7.70 9.37
C GLY A 865 11.09 -6.29 9.61
N CYS A 866 10.09 -5.89 8.83
CA CYS A 866 9.41 -4.61 9.01
C CYS A 866 7.92 -4.83 8.81
N LEU A 867 7.12 -3.98 9.44
CA LEU A 867 5.66 -4.09 9.36
C LEU A 867 5.05 -2.78 9.82
N SER A 868 4.27 -2.16 8.93
CA SER A 868 3.53 -0.96 9.29
C SER A 868 2.17 -1.36 9.85
N ILE A 869 1.85 -0.86 11.04
CA ILE A 869 0.60 -1.18 11.71
C ILE A 869 -0.07 0.15 12.07
N GLY A 870 -0.93 0.63 11.19
CA GLY A 870 -1.61 1.89 11.41
C GLY A 870 -0.93 3.06 10.73
N ASP A 871 -1.24 4.24 11.25
CA ASP A 871 -0.76 5.50 10.68
C ASP A 871 0.57 5.87 11.33
N CYS A 872 1.65 5.86 10.53
CA CYS A 872 2.97 6.29 10.97
C CYS A 872 3.45 5.52 12.20
N VAL A 873 3.11 4.23 12.26
CA VAL A 873 3.51 3.35 13.35
C VAL A 873 3.96 2.03 12.75
N GLY A 874 5.11 1.53 13.19
CA GLY A 874 5.65 0.32 12.63
C GLY A 874 6.51 -0.45 13.62
N LEU A 875 6.71 -1.72 13.31
CA LEU A 875 7.54 -2.61 14.10
C LEU A 875 8.77 -2.99 13.28
N ILE A 876 9.94 -2.89 13.90
CA ILE A 876 11.21 -3.21 13.26
C ILE A 876 11.92 -4.29 14.06
N GLU A 877 12.32 -5.35 13.39
CA GLU A 877 13.03 -6.46 14.04
C GLU A 877 14.51 -6.14 14.19
N VAL A 878 15.07 -6.48 15.35
CA VAL A 878 16.48 -6.26 15.60
C VAL A 878 17.27 -7.48 15.12
N VAL A 879 18.46 -7.23 14.57
CA VAL A 879 19.24 -8.23 13.86
C VAL A 879 20.35 -8.79 14.76
N ARG A 880 20.13 -8.75 16.06
CA ARG A 880 21.02 -9.37 17.06
C ARG A 880 22.33 -8.59 17.08
N ASN A 881 23.46 -9.30 17.23
CA ASN A 881 24.77 -8.69 17.34
C ASN A 881 25.13 -7.85 16.11
N SER A 882 25.30 -6.55 16.31
CA SER A 882 25.62 -5.65 15.22
C SER A 882 26.16 -4.35 15.78
N HIS A 883 26.84 -3.60 14.93
CA HIS A 883 27.39 -2.30 15.31
C HIS A 883 27.38 -1.38 14.11
N THR A 884 27.02 -0.12 14.32
CA THR A 884 27.22 0.88 13.29
C THR A 884 28.72 1.11 13.11
N ILE A 885 29.13 1.38 11.87
CA ILE A 885 30.56 1.62 11.65
C ILE A 885 31.00 2.95 12.26
N MET A 886 30.07 3.90 12.41
CA MET A 886 30.39 5.11 13.14
C MET A 886 30.75 4.81 14.60
N GLN A 887 30.02 3.89 15.22
CA GLN A 887 30.33 3.47 16.58
C GLN A 887 31.54 2.54 16.64
N ILE A 888 31.79 1.78 15.57
CA ILE A 888 32.87 0.79 15.58
C ILE A 888 34.24 1.44 15.57
N GLN A 889 34.33 2.72 15.18
CA GLN A 889 35.62 3.39 15.15
C GLN A 889 36.02 3.95 16.51
N CYS A 890 35.11 3.98 17.48
CA CYS A 890 35.44 4.37 18.84
C CYS A 890 35.59 3.17 19.77
N LYS A 891 35.00 2.02 19.44
CA LYS A 891 35.14 0.81 20.21
C LYS A 891 36.38 0.01 19.83
N GLY A 892 37.15 0.46 18.86
CA GLY A 892 38.36 -0.24 18.45
C GLY A 892 39.50 0.70 18.13
N ASN A 901 41.22 6.84 11.83
CA ASN A 901 42.12 5.97 11.09
C ASN A 901 41.33 5.00 10.22
N SER A 902 41.84 4.72 9.02
CA SER A 902 41.15 3.87 8.08
C SER A 902 41.33 2.38 8.37
N HIS A 903 42.31 2.01 9.20
CA HIS A 903 42.56 0.63 9.54
C HIS A 903 41.68 0.12 10.69
N THR A 904 40.86 1.00 11.27
CA THR A 904 40.05 0.59 12.43
C THR A 904 39.03 -0.48 12.05
N LEU A 905 38.40 -0.34 10.88
CA LEU A 905 37.39 -1.30 10.47
C LEU A 905 38.02 -2.65 10.14
N HIS A 906 39.19 -2.66 9.52
CA HIS A 906 39.84 -3.93 9.22
C HIS A 906 40.42 -4.57 10.47
N GLN A 907 41.10 -3.78 11.31
CA GLN A 907 41.72 -4.33 12.51
C GLN A 907 40.67 -4.85 13.48
N TRP A 908 39.52 -4.17 13.56
CA TRP A 908 38.43 -4.69 14.38
C TRP A 908 37.92 -6.03 13.86
N LEU A 909 37.77 -6.15 12.54
CA LEU A 909 37.37 -7.43 11.96
C LEU A 909 38.42 -8.50 12.21
N LYS A 910 39.70 -8.15 12.02
CA LYS A 910 40.77 -9.10 12.31
C LYS A 910 40.90 -9.40 13.79
N ASP A 911 40.41 -8.51 14.66
CA ASP A 911 40.50 -8.76 16.10
C ASP A 911 39.64 -9.94 16.50
N LYS A 912 38.33 -9.84 16.29
CA LYS A 912 37.43 -10.95 16.63
C LYS A 912 37.19 -11.87 15.44
N ASN A 913 38.28 -12.25 14.76
CA ASN A 913 38.21 -13.30 13.75
C ASN A 913 39.48 -14.14 13.74
N LYS A 914 40.15 -14.25 14.88
CA LYS A 914 41.43 -14.97 14.94
C LYS A 914 41.23 -16.43 14.55
N GLY A 915 42.11 -16.91 13.67
CA GLY A 915 42.07 -18.27 13.19
C GLY A 915 41.97 -18.32 11.68
N GLU A 916 41.70 -19.54 11.18
CA GLU A 916 41.50 -19.71 9.74
C GLU A 916 40.24 -19.01 9.25
N ILE A 917 39.26 -18.79 10.13
CA ILE A 917 38.01 -18.16 9.74
C ILE A 917 38.17 -16.70 9.33
N TYR A 918 39.34 -16.10 9.59
CA TYR A 918 39.53 -14.70 9.22
C TYR A 918 39.46 -14.51 7.72
N ASP A 919 40.03 -15.43 6.95
CA ASP A 919 40.00 -15.31 5.49
C ASP A 919 38.59 -15.47 4.93
N ALA A 920 37.65 -16.00 5.73
CA ALA A 920 36.26 -16.07 5.30
C ALA A 920 35.43 -14.90 5.78
N ALA A 921 35.88 -14.17 6.80
CA ALA A 921 35.15 -12.99 7.26
C ALA A 921 35.29 -11.84 6.27
N ILE A 922 36.46 -11.69 5.65
CA ILE A 922 36.64 -10.68 4.62
C ILE A 922 35.83 -11.04 3.38
N ASP A 923 35.77 -12.33 3.05
CA ASP A 923 35.02 -12.78 1.89
C ASP A 923 33.54 -12.41 2.04
N LEU A 924 32.96 -12.68 3.22
CA LEU A 924 31.57 -12.30 3.45
C LEU A 924 31.41 -10.79 3.50
N PHE A 925 32.45 -10.06 3.90
CA PHE A 925 32.40 -8.60 3.83
C PHE A 925 32.47 -8.11 2.40
N THR A 926 32.91 -8.94 1.46
CA THR A 926 33.00 -8.57 0.06
C THR A 926 31.73 -8.92 -0.71
N ARG A 927 31.27 -10.17 -0.57
CA ARG A 927 30.05 -10.59 -1.25
C ARG A 927 28.81 -9.88 -0.73
N SER A 928 28.90 -9.25 0.44
CA SER A 928 27.80 -8.44 0.94
C SER A 928 27.97 -6.97 0.59
N CYS A 929 29.21 -6.50 0.45
CA CYS A 929 29.44 -5.15 -0.03
C CYS A 929 28.97 -4.99 -1.47
N ALA A 930 29.24 -6.00 -2.30
CA ALA A 930 28.85 -5.92 -3.71
C ALA A 930 27.33 -5.96 -3.87
N GLY A 931 26.63 -6.67 -3.00
CA GLY A 931 25.18 -6.72 -3.11
C GLY A 931 24.53 -5.39 -2.82
N TYR A 932 24.99 -4.69 -1.78
CA TYR A 932 24.39 -3.43 -1.37
C TYR A 932 24.86 -2.25 -2.20
N CYS A 933 25.82 -2.44 -3.11
CA CYS A 933 26.21 -1.39 -4.02
C CYS A 933 25.36 -1.39 -5.28
N VAL A 934 25.10 -2.58 -5.84
CA VAL A 934 24.20 -2.68 -6.97
C VAL A 934 22.78 -2.32 -6.58
N ALA A 935 22.32 -2.84 -5.43
CA ALA A 935 20.94 -2.63 -5.02
C ALA A 935 20.65 -1.16 -4.74
N THR A 936 21.54 -0.49 -4.02
CA THR A 936 21.31 0.91 -3.69
C THR A 936 21.36 1.79 -4.93
N PHE A 937 22.28 1.49 -5.86
CA PHE A 937 22.38 2.31 -7.07
C PHE A 937 21.13 2.19 -7.92
N ILE A 938 20.59 0.99 -8.06
CA ILE A 938 19.40 0.79 -8.90
C ILE A 938 18.19 1.48 -8.30
N LEU A 939 17.96 1.26 -7.00
CA LEU A 939 16.79 1.83 -6.34
C LEU A 939 16.97 3.28 -5.95
N GLY A 940 18.21 3.78 -5.91
CA GLY A 940 18.44 5.16 -5.55
C GLY A 940 18.05 5.52 -4.12
N ILE A 941 18.37 4.64 -3.16
CA ILE A 941 18.11 4.95 -1.76
C ILE A 941 18.93 6.15 -1.32
N GLY A 942 18.49 6.78 -0.23
CA GLY A 942 19.09 8.03 0.23
C GLY A 942 20.54 7.94 0.66
N ASP A 943 21.06 9.02 1.23
CA ASP A 943 22.47 9.09 1.60
C ASP A 943 22.80 8.03 2.65
N ARG A 944 24.02 7.50 2.57
CA ARG A 944 24.49 6.45 3.46
C ARG A 944 25.64 7.01 4.29
N HIS A 945 25.36 7.33 5.55
CA HIS A 945 26.40 7.78 6.46
C HIS A 945 27.18 6.56 6.98
N ASN A 946 28.01 6.77 7.98
CA ASN A 946 28.63 5.66 8.69
C ASN A 946 27.80 5.20 9.87
N SER A 947 26.60 5.75 10.04
CA SER A 947 25.67 5.33 11.08
C SER A 947 24.50 4.53 10.55
N ASN A 948 24.17 4.68 9.26
CA ASN A 948 23.17 3.83 8.62
C ASN A 948 23.76 2.51 8.16
N ILE A 949 25.05 2.30 8.34
CA ILE A 949 25.74 1.11 7.86
C ILE A 949 26.03 0.24 9.07
N MET A 950 25.56 -1.01 9.04
CA MET A 950 25.68 -1.92 10.17
C MET A 950 26.52 -3.12 9.76
N VAL A 951 27.46 -3.50 10.61
CA VAL A 951 28.32 -4.65 10.35
C VAL A 951 28.20 -5.61 11.52
N LYS A 952 28.12 -6.90 11.21
CA LYS A 952 28.04 -7.93 12.23
C LYS A 952 29.44 -8.37 12.63
N ASP A 953 29.50 -9.21 13.67
CA ASP A 953 30.79 -9.73 14.12
C ASP A 953 31.43 -10.65 13.10
N ASP A 954 30.64 -11.23 12.19
CA ASP A 954 31.15 -12.12 11.15
C ASP A 954 31.52 -11.38 9.87
N GLY A 955 31.43 -10.06 9.86
CA GLY A 955 31.78 -9.29 8.70
C GLY A 955 30.65 -9.00 7.73
N GLN A 956 29.46 -9.56 7.96
CA GLN A 956 28.32 -9.25 7.11
C GLN A 956 27.96 -7.77 7.24
N LEU A 957 27.54 -7.19 6.13
CA LEU A 957 27.20 -5.77 6.07
C LEU A 957 25.76 -5.60 5.61
N PHE A 958 25.09 -4.59 6.16
CA PHE A 958 23.72 -4.30 5.77
C PHE A 958 23.40 -2.85 6.13
N HIS A 959 22.39 -2.31 5.46
CA HIS A 959 21.96 -0.94 5.67
C HIS A 959 20.73 -0.89 6.56
N ILE A 960 20.51 0.26 7.16
CA ILE A 960 19.23 0.60 7.78
C ILE A 960 18.48 1.40 6.72
N ASP A 961 17.72 0.68 5.89
CA ASP A 961 17.20 1.23 4.64
C ASP A 961 16.33 2.45 4.92
N PHE A 962 16.69 3.58 4.31
CA PHE A 962 15.92 4.80 4.47
C PHE A 962 14.58 4.68 3.76
N GLY A 963 13.61 5.44 4.24
CA GLY A 963 12.28 5.44 3.65
C GLY A 963 12.14 6.44 2.54
N HIS A 964 13.23 6.72 1.82
CA HIS A 964 13.21 7.67 0.70
C HIS A 964 13.98 7.03 -0.45
N PHE A 965 13.27 6.28 -1.29
CA PHE A 965 13.84 5.64 -2.46
C PHE A 965 13.48 6.42 -3.72
N LEU A 966 14.22 6.15 -4.80
CA LEU A 966 14.09 6.87 -6.06
C LEU A 966 14.33 8.36 -5.88
N ASP A 967 15.12 8.73 -4.88
CA ASP A 967 15.40 10.13 -4.56
C ASP A 967 16.63 10.19 -3.68
N HIS A 968 17.46 11.21 -3.91
CA HIS A 968 18.67 11.41 -3.10
C HIS A 968 19.15 12.85 -3.21
N GLU A 978 21.42 8.12 -12.00
CA GLU A 978 21.68 9.54 -11.81
C GLU A 978 22.50 9.78 -10.54
N ARG A 979 22.06 9.20 -9.43
CA ARG A 979 22.68 9.39 -8.13
C ARG A 979 23.19 8.06 -7.60
N VAL A 980 24.40 8.08 -7.04
CA VAL A 980 25.00 6.89 -6.44
C VAL A 980 25.12 7.11 -4.93
N PRO A 981 24.26 6.47 -4.13
CA PRO A 981 24.29 6.73 -2.68
C PRO A 981 25.47 6.09 -1.95
N PHE A 982 25.76 4.83 -2.26
CA PHE A 982 26.78 4.07 -1.55
C PHE A 982 28.04 4.00 -2.38
N VAL A 983 29.12 4.59 -1.87
CA VAL A 983 30.44 4.53 -2.48
C VAL A 983 31.39 3.90 -1.48
N LEU A 984 32.19 2.95 -1.95
CA LEU A 984 33.13 2.27 -1.08
C LEU A 984 34.17 3.27 -0.57
N THR A 985 34.05 3.65 0.70
CA THR A 985 34.94 4.64 1.27
C THR A 985 36.33 4.03 1.48
N GLN A 986 37.25 4.86 2.00
CA GLN A 986 38.58 4.38 2.31
C GLN A 986 38.58 3.36 3.44
N ASP A 987 37.52 3.32 4.25
CA ASP A 987 37.42 2.32 5.30
C ASP A 987 37.09 0.94 4.74
N PHE A 988 36.16 0.88 3.78
CA PHE A 988 35.72 -0.39 3.24
C PHE A 988 36.72 -0.96 2.25
N LEU A 989 37.43 -0.11 1.51
CA LEU A 989 38.34 -0.60 0.48
C LEU A 989 39.53 -1.33 1.09
N ILE A 990 39.93 -0.97 2.31
CA ILE A 990 41.02 -1.66 2.97
C ILE A 990 40.62 -3.09 3.32
N VAL A 991 39.41 -3.27 3.86
CA VAL A 991 38.96 -4.60 4.25
C VAL A 991 38.81 -5.50 3.03
N ILE A 992 38.24 -4.96 1.94
CA ILE A 992 38.00 -5.75 0.75
C ILE A 992 39.32 -6.25 0.16
N SER A 993 40.32 -5.38 0.11
CA SER A 993 41.62 -5.72 -0.46
C SER A 993 42.58 -6.32 0.55
N LYS A 994 42.06 -6.93 1.62
CA LYS A 994 42.86 -7.64 2.62
C LYS A 994 43.90 -6.74 3.28
N GLY A 995 43.59 -5.46 3.41
CA GLY A 995 44.48 -4.54 4.10
C GLY A 995 45.62 -3.99 3.27
N ALA A 996 45.70 -4.35 1.99
CA ALA A 996 46.79 -3.85 1.15
C ALA A 996 46.62 -2.35 0.90
N GLN A 997 47.74 -1.64 0.90
CA GLN A 997 47.70 -0.20 0.66
C GLN A 997 47.45 0.12 -0.82
N GLU A 998 47.75 -0.81 -1.72
CA GLU A 998 47.48 -0.63 -3.15
C GLU A 998 46.07 -1.16 -3.44
N CYS A 999 45.08 -0.45 -2.89
CA CYS A 999 43.71 -0.96 -2.85
C CYS A 999 43.14 -1.18 -4.25
N THR A 1000 43.37 -0.24 -5.16
CA THR A 1000 42.66 -0.25 -6.43
C THR A 1000 43.18 -1.29 -7.41
N LYS A 1001 44.45 -1.66 -7.34
CA LYS A 1001 45.06 -2.52 -8.34
C LYS A 1001 45.23 -3.97 -7.90
N THR A 1002 44.79 -4.33 -6.69
CA THR A 1002 44.96 -5.70 -6.23
C THR A 1002 43.98 -6.63 -6.93
N ARG A 1003 44.28 -7.93 -6.88
CA ARG A 1003 43.39 -8.93 -7.44
C ARG A 1003 42.08 -9.01 -6.67
N GLU A 1004 42.11 -8.75 -5.36
CA GLU A 1004 40.90 -8.85 -4.56
C GLU A 1004 39.90 -7.76 -4.90
N PHE A 1005 40.38 -6.57 -5.24
CA PHE A 1005 39.47 -5.52 -5.68
C PHE A 1005 39.01 -5.74 -7.11
N GLU A 1006 39.85 -6.38 -7.94
CA GLU A 1006 39.41 -6.73 -9.28
C GLU A 1006 38.25 -7.72 -9.25
N ARG A 1007 38.33 -8.72 -8.36
CA ARG A 1007 37.23 -9.67 -8.22
C ARG A 1007 36.01 -9.02 -7.61
N PHE A 1008 36.17 -7.89 -6.94
CA PHE A 1008 35.01 -7.15 -6.43
C PHE A 1008 34.28 -6.42 -7.54
N GLN A 1009 35.00 -5.98 -8.56
CA GLN A 1009 34.35 -5.32 -9.70
C GLN A 1009 33.58 -6.31 -10.55
N GLU A 1010 34.20 -7.45 -10.87
CA GLU A 1010 33.51 -8.46 -11.66
C GLU A 1010 32.37 -9.11 -10.87
N MET A 1011 32.36 -8.96 -9.55
CA MET A 1011 31.22 -9.39 -8.77
C MET A 1011 30.07 -8.40 -8.90
N CYS A 1012 30.37 -7.11 -9.03
CA CYS A 1012 29.33 -6.11 -9.18
C CYS A 1012 28.75 -6.12 -10.59
N TYR A 1013 29.58 -6.38 -11.59
CA TYR A 1013 29.09 -6.40 -12.97
C TYR A 1013 28.15 -7.57 -13.21
N LYS A 1014 28.48 -8.74 -12.67
CA LYS A 1014 27.61 -9.90 -12.82
C LYS A 1014 26.30 -9.72 -12.08
N ALA A 1015 26.31 -8.93 -11.00
CA ALA A 1015 25.07 -8.67 -10.26
C ALA A 1015 24.19 -7.68 -11.01
N TYR A 1016 24.78 -6.64 -11.58
CA TYR A 1016 24.00 -5.63 -12.30
C TYR A 1016 23.36 -6.22 -13.55
N LEU A 1017 24.09 -7.07 -14.27
CA LEU A 1017 23.54 -7.69 -15.47
C LEU A 1017 22.40 -8.65 -15.13
N ALA A 1018 22.50 -9.34 -13.99
CA ALA A 1018 21.47 -10.31 -13.61
C ALA A 1018 20.14 -9.62 -13.32
N ILE A 1019 20.18 -8.50 -12.60
CA ILE A 1019 18.95 -7.79 -12.26
C ILE A 1019 18.33 -7.18 -13.51
N ARG A 1020 19.17 -6.61 -14.38
CA ARG A 1020 18.66 -6.00 -15.61
C ARG A 1020 17.95 -7.02 -16.50
N GLN A 1021 18.35 -8.29 -16.43
CA GLN A 1021 17.64 -9.33 -17.18
C GLN A 1021 16.25 -9.58 -16.63
N HIS A 1022 16.07 -9.46 -15.30
CA HIS A 1022 14.78 -9.60 -14.65
C HIS A 1022 14.16 -8.25 -14.31
N ALA A 1023 14.39 -7.25 -15.16
CA ALA A 1023 13.91 -5.90 -14.87
C ALA A 1023 12.40 -5.79 -14.99
N ASN A 1024 11.75 -6.68 -15.74
CA ASN A 1024 10.29 -6.61 -15.88
C ASN A 1024 9.61 -6.85 -14.54
N LEU A 1025 10.16 -7.76 -13.72
CA LEU A 1025 9.55 -8.05 -12.43
C LEU A 1025 9.56 -6.84 -11.50
N PHE A 1026 10.68 -6.10 -11.47
CA PHE A 1026 10.77 -4.94 -10.59
C PHE A 1026 9.90 -3.80 -11.07
N ILE A 1027 9.66 -3.70 -12.38
CA ILE A 1027 8.79 -2.66 -12.90
C ILE A 1027 7.33 -2.95 -12.52
N ASN A 1028 6.94 -4.23 -12.58
CA ASN A 1028 5.58 -4.59 -12.19
C ASN A 1028 5.32 -4.30 -10.72
N LEU A 1029 6.28 -4.62 -9.85
CA LEU A 1029 6.09 -4.42 -8.43
C LEU A 1029 5.93 -2.94 -8.08
N PHE A 1030 6.71 -2.07 -8.74
CA PHE A 1030 6.65 -0.65 -8.45
C PHE A 1030 5.40 0.00 -9.02
N SER A 1031 4.77 -0.61 -10.01
CA SER A 1031 3.63 -0.02 -10.70
C SER A 1031 2.30 -0.33 -10.02
N MET A 1032 2.30 -1.13 -8.95
CA MET A 1032 1.08 -1.44 -8.22
C MET A 1032 0.89 -0.56 -6.99
N MET A 1033 1.95 0.10 -6.52
CA MET A 1033 1.89 0.97 -5.35
C MET A 1033 1.65 2.43 -5.72
N LEU A 1034 1.01 2.69 -6.86
CA LEU A 1034 0.73 4.06 -7.26
C LEU A 1034 -0.33 4.69 -6.36
N GLY A 1035 -1.41 3.96 -6.11
CA GLY A 1035 -2.45 4.43 -5.22
C GLY A 1035 -2.19 4.23 -3.76
N SER A 1036 -1.05 3.64 -3.40
CA SER A 1036 -0.73 3.41 -2.00
C SER A 1036 -0.60 4.73 -1.24
N GLY A 1037 0.01 5.73 -1.86
CA GLY A 1037 0.13 7.03 -1.24
C GLY A 1037 1.54 7.46 -0.85
N MET A 1038 2.55 6.69 -1.19
CA MET A 1038 3.91 7.11 -0.91
C MET A 1038 4.25 8.37 -1.73
N PRO A 1039 4.80 9.41 -1.11
CA PRO A 1039 5.06 10.65 -1.86
C PRO A 1039 5.99 10.48 -3.05
N GLU A 1040 6.95 9.57 -2.98
CA GLU A 1040 7.92 9.39 -4.06
C GLU A 1040 7.49 8.36 -5.08
N LEU A 1041 6.29 7.78 -4.94
CA LEU A 1041 5.76 6.83 -5.92
C LEU A 1041 4.25 7.06 -6.03
N GLN A 1042 3.86 7.93 -6.96
CA GLN A 1042 2.45 8.21 -7.17
C GLN A 1042 2.05 8.34 -8.64
N SER A 1043 3.00 8.23 -9.57
CA SER A 1043 2.69 8.33 -10.99
C SER A 1043 3.73 7.53 -11.77
N PHE A 1044 3.41 7.27 -13.03
CA PHE A 1044 4.29 6.45 -13.87
C PHE A 1044 5.59 7.13 -14.23
N ASP A 1045 5.72 8.44 -14.01
CA ASP A 1045 6.99 9.11 -14.25
C ASP A 1045 7.99 8.87 -13.12
N ASP A 1046 7.54 8.41 -11.97
CA ASP A 1046 8.46 8.08 -10.87
C ASP A 1046 9.16 6.76 -11.10
N ILE A 1047 8.49 5.79 -11.72
CA ILE A 1047 9.13 4.53 -12.06
C ILE A 1047 10.11 4.70 -13.21
N ALA A 1048 10.02 5.81 -13.95
CA ALA A 1048 10.96 6.06 -15.03
C ALA A 1048 12.39 6.23 -14.54
N TYR A 1049 12.58 6.46 -13.24
CA TYR A 1049 13.93 6.47 -12.68
C TYR A 1049 14.54 5.07 -12.72
N ILE A 1050 13.72 4.04 -12.44
CA ILE A 1050 14.23 2.67 -12.47
C ILE A 1050 14.67 2.30 -13.87
N ARG A 1051 13.89 2.68 -14.89
CA ARG A 1051 14.26 2.41 -16.27
C ARG A 1051 15.50 3.17 -16.71
N LYS A 1052 15.94 4.17 -15.94
CA LYS A 1052 17.13 4.95 -16.29
C LYS A 1052 18.40 4.36 -15.69
N THR A 1053 18.36 4.01 -14.39
CA THR A 1053 19.55 3.45 -13.75
C THR A 1053 19.82 2.04 -14.23
N LEU A 1054 18.79 1.32 -14.67
CA LEU A 1054 18.99 0.01 -15.26
C LEU A 1054 19.41 0.08 -16.73
N ALA A 1055 19.40 1.27 -17.32
CA ALA A 1055 19.79 1.47 -18.72
C ALA A 1055 19.00 0.54 -19.64
N LEU A 1056 17.69 0.52 -19.44
CA LEU A 1056 16.85 -0.41 -20.17
C LEU A 1056 16.69 -0.01 -21.64
N ASP A 1057 16.81 1.29 -21.93
CA ASP A 1057 16.69 1.74 -23.32
C ASP A 1057 17.83 1.20 -24.18
N LYS A 1058 19.04 1.19 -23.64
CA LYS A 1058 20.23 0.82 -24.40
C LYS A 1058 20.39 -0.70 -24.46
N THR A 1059 21.40 -1.14 -25.20
CA THR A 1059 21.67 -2.55 -25.37
C THR A 1059 22.38 -3.11 -24.13
N GLU A 1060 22.65 -4.42 -24.15
CA GLU A 1060 23.32 -5.06 -23.02
C GLU A 1060 24.73 -4.52 -22.83
N GLN A 1061 25.48 -4.36 -23.92
CA GLN A 1061 26.85 -3.87 -23.82
C GLN A 1061 26.91 -2.38 -23.58
N GLU A 1062 25.90 -1.63 -24.03
CA GLU A 1062 25.87 -0.20 -23.73
C GLU A 1062 25.48 0.06 -22.27
N ALA A 1063 24.78 -0.89 -21.65
CA ALA A 1063 24.34 -0.69 -20.27
C ALA A 1063 25.49 -0.79 -19.28
N LEU A 1064 26.41 -1.74 -19.50
CA LEU A 1064 27.50 -1.93 -18.56
C LEU A 1064 28.39 -0.69 -18.50
N GLU A 1065 28.73 -0.12 -19.66
CA GLU A 1065 29.50 1.11 -19.68
C GLU A 1065 28.74 2.29 -19.10
N TYR A 1066 27.43 2.18 -18.92
CA TYR A 1066 26.71 3.15 -18.12
C TYR A 1066 26.93 2.91 -16.64
N PHE A 1067 27.04 1.64 -16.24
CA PHE A 1067 27.32 1.32 -14.84
C PHE A 1067 28.76 1.60 -14.48
N MET A 1068 29.70 1.25 -15.36
CA MET A 1068 31.11 1.48 -15.08
C MET A 1068 31.41 2.96 -14.91
N LYS A 1069 30.84 3.80 -15.78
CA LYS A 1069 31.06 5.25 -15.65
C LYS A 1069 30.39 5.80 -14.39
N GLN A 1070 29.18 5.32 -14.08
CA GLN A 1070 28.45 5.87 -12.95
C GLN A 1070 29.16 5.62 -11.64
N MET A 1071 29.69 4.41 -11.45
CA MET A 1071 30.46 4.13 -10.24
C MET A 1071 31.81 4.84 -10.28
N ASN A 1072 32.38 5.03 -11.46
CA ASN A 1072 33.68 5.68 -11.58
C ASN A 1072 33.63 7.17 -11.26
N ASP A 1073 32.43 7.76 -11.24
CA ASP A 1073 32.32 9.18 -10.89
C ASP A 1073 32.61 9.43 -9.42
N ALA A 1074 32.49 8.40 -8.58
CA ALA A 1074 32.82 8.50 -7.16
C ALA A 1074 34.00 7.62 -6.76
N HIS A 1075 34.09 6.40 -7.29
CA HIS A 1075 35.21 5.53 -7.00
C HIS A 1075 36.52 6.07 -7.58
N HIS A 1076 36.42 6.84 -8.68
CA HIS A 1076 37.59 7.44 -9.33
C HIS A 1076 38.60 6.38 -9.77
N GLY A 1077 38.11 5.25 -10.25
CA GLY A 1077 38.99 4.21 -10.72
C GLY A 1077 38.34 2.84 -10.77
N GLY A 1078 38.64 2.07 -11.81
CA GLY A 1078 38.10 0.73 -11.95
C GLY A 1078 38.80 -0.30 -11.09
N ASN B 322 16.06 25.71 -48.48
CA ASN B 322 14.90 26.36 -49.09
C ASN B 322 13.63 25.65 -48.72
N ASN B 323 13.48 24.38 -49.12
CA ASN B 323 12.30 23.60 -48.71
C ASN B 323 12.79 22.63 -47.65
N ASN B 324 14.10 22.50 -47.52
CA ASN B 324 14.66 21.63 -46.47
C ASN B 324 15.69 22.43 -45.70
N MET B 325 15.34 22.81 -44.47
CA MET B 325 16.24 23.55 -43.60
C MET B 325 16.97 22.60 -42.66
N SER B 326 17.72 23.17 -41.73
CA SER B 326 18.41 22.38 -40.72
C SER B 326 17.49 22.13 -39.54
N LEU B 327 17.47 20.87 -39.07
CA LEU B 327 16.65 20.53 -37.91
C LEU B 327 17.06 21.33 -36.68
N GLN B 328 18.33 21.72 -36.59
CA GLN B 328 18.82 22.41 -35.40
C GLN B 328 18.11 23.75 -35.20
N ASP B 329 17.85 24.45 -36.30
CA ASP B 329 17.23 25.77 -36.22
C ASP B 329 15.71 25.74 -36.25
N ALA B 330 15.12 24.55 -36.43
CA ALA B 330 13.67 24.44 -36.39
C ALA B 330 13.15 24.59 -34.97
N GLU B 331 11.91 25.07 -34.85
CA GLU B 331 11.31 25.34 -33.56
C GLU B 331 10.65 24.11 -32.93
N TRP B 332 10.08 23.23 -33.76
CA TRP B 332 9.42 22.04 -33.23
C TRP B 332 10.41 20.98 -32.78
N TYR B 333 11.57 20.89 -33.42
CA TYR B 333 12.56 19.88 -33.06
C TYR B 333 13.23 20.27 -31.74
N TRP B 334 13.03 19.44 -30.71
CA TRP B 334 13.52 19.75 -29.37
C TRP B 334 14.81 19.02 -29.02
N GLY B 335 15.38 18.25 -29.93
CA GLY B 335 16.61 17.55 -29.66
C GLY B 335 16.42 16.24 -28.93
N ASP B 336 17.04 16.10 -27.76
CA ASP B 336 16.98 14.89 -26.96
C ASP B 336 16.29 15.18 -25.64
N ILE B 337 15.07 14.69 -25.48
CA ILE B 337 14.32 14.83 -24.24
C ILE B 337 13.64 13.48 -23.94
N SER B 338 13.54 13.17 -22.65
CA SER B 338 12.92 11.92 -22.24
C SER B 338 11.40 11.99 -22.41
N ARG B 339 10.76 10.82 -22.32
CA ARG B 339 9.31 10.76 -22.44
C ARG B 339 8.62 11.54 -21.33
N GLU B 340 9.15 11.45 -20.10
CA GLU B 340 8.55 12.18 -19.00
C GLU B 340 8.74 13.68 -19.14
N GLU B 341 9.82 14.11 -19.81
CA GLU B 341 10.06 15.53 -20.03
C GLU B 341 9.25 16.10 -21.17
N VAL B 342 8.64 15.26 -22.00
CA VAL B 342 7.83 15.74 -23.11
C VAL B 342 6.33 15.63 -22.82
N ASN B 343 5.93 14.79 -21.86
CA ASN B 343 4.52 14.73 -21.47
C ASN B 343 4.07 16.03 -20.83
N GLU B 344 4.96 16.67 -20.07
CA GLU B 344 4.63 17.96 -19.46
C GLU B 344 4.42 19.03 -20.51
N LYS B 345 5.21 19.01 -21.59
CA LYS B 345 5.07 20.01 -22.63
C LYS B 345 3.72 19.88 -23.33
N LEU B 346 3.28 18.64 -23.60
CA LEU B 346 2.00 18.39 -24.24
C LEU B 346 0.89 18.07 -23.24
N ARG B 347 1.00 18.59 -22.02
CA ARG B 347 0.02 18.31 -20.97
C ARG B 347 -1.12 19.32 -21.04
N ASP B 348 -2.35 18.81 -21.15
CA ASP B 348 -3.55 19.63 -21.16
C ASP B 348 -3.51 20.66 -22.30
N THR B 349 -2.99 20.25 -23.44
CA THR B 349 -2.81 21.14 -24.58
C THR B 349 -3.90 20.91 -25.62
N ALA B 350 -3.93 21.81 -26.61
CA ALA B 350 -4.89 21.70 -27.69
C ALA B 350 -4.58 20.50 -28.57
N ASP B 351 -5.62 19.84 -29.06
CA ASP B 351 -5.44 18.69 -29.92
C ASP B 351 -4.82 19.11 -31.24
N GLY B 352 -3.85 18.33 -31.71
CA GLY B 352 -3.11 18.65 -32.92
C GLY B 352 -1.70 19.14 -32.68
N THR B 353 -1.36 19.51 -31.45
CA THR B 353 -0.01 19.97 -31.15
C THR B 353 0.97 18.80 -31.22
N PHE B 354 2.24 19.12 -31.48
CA PHE B 354 3.23 18.09 -31.73
C PHE B 354 4.63 18.66 -31.54
N LEU B 355 5.61 17.76 -31.47
CA LEU B 355 7.02 18.12 -31.52
C LEU B 355 7.82 16.88 -31.89
N VAL B 356 9.01 17.11 -32.43
CA VAL B 356 9.91 16.05 -32.87
C VAL B 356 11.11 16.01 -31.94
N ARG B 357 11.49 14.82 -31.50
CA ARG B 357 12.60 14.63 -30.57
C ARG B 357 13.42 13.43 -31.02
N ASP B 358 14.68 13.41 -30.56
CA ASP B 358 15.51 12.25 -30.79
C ASP B 358 14.94 11.03 -30.07
N ALA B 359 14.99 9.88 -30.73
CA ALA B 359 14.37 8.69 -30.16
C ALA B 359 15.06 8.29 -28.86
N SER B 360 14.30 7.64 -27.98
CA SER B 360 14.85 7.23 -26.69
C SER B 360 15.93 6.17 -26.85
N THR B 361 15.84 5.35 -27.91
CA THR B 361 16.84 4.32 -28.16
C THR B 361 18.22 4.90 -28.52
N LYS B 362 18.28 6.18 -28.88
CA LYS B 362 19.54 6.93 -29.00
C LYS B 362 20.40 6.47 -30.18
N MET B 363 19.79 6.09 -31.31
CA MET B 363 20.55 5.94 -32.54
C MET B 363 20.55 7.29 -33.28
N HIS B 364 20.99 7.26 -34.54
CA HIS B 364 21.13 8.46 -35.35
C HIS B 364 20.11 8.44 -36.47
N GLY B 365 19.29 9.49 -36.55
CA GLY B 365 18.37 9.66 -37.65
C GLY B 365 16.96 9.16 -37.42
N ASP B 366 16.59 8.80 -36.19
CA ASP B 366 15.25 8.27 -35.95
C ASP B 366 14.21 9.39 -35.88
N TYR B 367 14.36 10.31 -34.92
CA TYR B 367 13.50 11.48 -34.80
C TYR B 367 12.02 11.08 -34.65
N THR B 368 11.72 10.41 -33.56
CA THR B 368 10.34 10.05 -33.27
C THR B 368 9.49 11.31 -33.09
N LEU B 369 8.27 11.27 -33.63
CA LEU B 369 7.34 12.38 -33.57
C LEU B 369 6.24 12.08 -32.56
N THR B 370 6.07 12.97 -31.59
CA THR B 370 5.02 12.82 -30.59
C THR B 370 3.91 13.83 -30.87
N LEU B 371 2.67 13.35 -30.85
CA LEU B 371 1.52 14.15 -31.24
C LEU B 371 0.41 14.00 -30.20
N ARG B 372 -0.28 15.10 -29.92
CA ARG B 372 -1.39 15.11 -28.98
C ARG B 372 -2.69 15.12 -29.77
N LYS B 373 -3.35 13.97 -29.84
CA LYS B 373 -4.62 13.84 -30.53
C LYS B 373 -5.57 13.01 -29.67
N GLY B 374 -6.80 13.48 -29.50
CA GLY B 374 -7.81 12.73 -28.78
C GLY B 374 -7.61 12.71 -27.28
N GLY B 375 -6.89 13.66 -26.72
CA GLY B 375 -6.69 13.74 -25.29
C GLY B 375 -5.51 12.96 -24.76
N ASN B 376 -4.83 12.19 -25.59
CA ASN B 376 -3.66 11.44 -25.17
C ASN B 376 -2.53 11.64 -26.19
N ASN B 377 -1.31 11.40 -25.72
CA ASN B 377 -0.11 11.66 -26.51
C ASN B 377 0.21 10.45 -27.38
N LYS B 378 0.14 10.62 -28.68
CA LYS B 378 0.56 9.59 -29.62
C LYS B 378 2.05 9.70 -29.88
N LEU B 379 2.61 8.65 -30.47
CA LEU B 379 4.00 8.64 -30.90
C LEU B 379 4.06 8.06 -32.30
N ILE B 380 4.90 8.65 -33.14
CA ILE B 380 5.10 8.18 -34.51
C ILE B 380 6.60 8.16 -34.77
N LYS B 381 7.08 7.05 -35.33
CA LYS B 381 8.50 6.88 -35.62
C LYS B 381 8.76 7.22 -37.09
N ILE B 382 9.86 7.92 -37.34
CA ILE B 382 10.22 8.37 -38.67
C ILE B 382 11.35 7.46 -39.16
N PHE B 383 11.00 6.52 -40.04
CA PHE B 383 11.99 5.59 -40.57
C PHE B 383 12.99 6.34 -41.46
N HIS B 384 14.18 5.77 -41.58
CA HIS B 384 15.24 6.39 -42.38
C HIS B 384 16.11 5.29 -42.96
N ARG B 385 16.19 5.23 -44.29
CA ARG B 385 17.07 4.31 -44.99
C ARG B 385 17.67 5.02 -46.20
N ASP B 386 18.98 4.85 -46.37
CA ASP B 386 19.79 5.48 -47.41
C ASP B 386 19.35 6.93 -47.68
N GLY B 387 19.41 7.74 -46.63
CA GLY B 387 19.25 9.18 -46.78
C GLY B 387 17.85 9.66 -47.12
N LYS B 388 16.82 8.97 -46.68
CA LYS B 388 15.44 9.41 -46.86
C LYS B 388 14.69 9.28 -45.55
N TYR B 389 13.47 9.83 -45.51
CA TYR B 389 12.66 9.82 -44.32
C TYR B 389 11.19 9.62 -44.69
N GLY B 390 10.42 9.10 -43.74
CA GLY B 390 9.01 8.86 -43.97
C GLY B 390 8.45 7.99 -42.86
N PHE B 391 7.13 7.85 -42.87
CA PHE B 391 6.43 7.09 -41.85
C PHE B 391 6.33 5.61 -42.20
N SER B 392 5.73 5.31 -43.35
CA SER B 392 5.62 3.93 -43.81
C SER B 392 6.83 3.58 -44.68
N ASP B 393 6.79 2.43 -45.33
CA ASP B 393 7.92 2.01 -46.17
C ASP B 393 8.15 2.82 -47.44
N PRO B 394 7.15 3.51 -48.06
CA PRO B 394 7.49 4.41 -49.18
C PRO B 394 8.19 5.66 -48.66
N LEU B 395 9.49 5.74 -48.88
CA LEU B 395 10.31 6.84 -48.36
C LEU B 395 10.47 7.90 -49.43
N THR B 396 9.35 8.56 -49.75
CA THR B 396 9.35 9.55 -50.82
C THR B 396 10.04 10.84 -50.40
N PHE B 397 9.81 11.29 -49.17
CA PHE B 397 10.34 12.57 -48.71
C PHE B 397 11.84 12.46 -48.42
N SER B 398 12.56 13.54 -48.72
CA SER B 398 14.01 13.53 -48.61
C SER B 398 14.47 13.79 -47.19
N SER B 399 14.14 14.95 -46.64
CA SER B 399 14.61 15.38 -45.32
C SER B 399 13.47 15.34 -44.32
N VAL B 400 13.85 15.44 -43.03
CA VAL B 400 12.86 15.44 -41.97
C VAL B 400 12.03 16.72 -42.02
N VAL B 401 12.68 17.86 -42.25
CA VAL B 401 11.95 19.13 -42.30
C VAL B 401 11.00 19.15 -43.49
N GLU B 402 11.40 18.54 -44.61
CA GLU B 402 10.50 18.44 -45.76
C GLU B 402 9.29 17.58 -45.44
N LEU B 403 9.49 16.49 -44.72
CA LEU B 403 8.38 15.59 -44.40
C LEU B 403 7.35 16.26 -43.49
N ILE B 404 7.81 16.94 -42.44
CA ILE B 404 6.89 17.56 -41.50
C ILE B 404 6.11 18.69 -42.17
N ASN B 405 6.81 19.54 -42.93
CA ASN B 405 6.14 20.66 -43.60
C ASN B 405 5.11 20.18 -44.60
N HIS B 406 5.23 18.94 -45.08
CA HIS B 406 4.22 18.39 -45.97
C HIS B 406 2.94 18.02 -45.21
N TYR B 407 3.09 17.54 -43.98
CA TYR B 407 1.95 17.10 -43.20
C TYR B 407 1.34 18.21 -42.34
N ARG B 408 1.95 19.40 -42.34
CA ARG B 408 1.30 20.55 -41.74
C ARG B 408 0.22 21.12 -42.63
N ASN B 409 0.40 21.04 -43.95
CA ASN B 409 -0.57 21.52 -44.92
C ASN B 409 -1.45 20.41 -45.47
N GLU B 410 -1.26 19.17 -45.03
CA GLU B 410 -2.07 18.05 -45.47
C GLU B 410 -2.31 17.13 -44.28
N SER B 411 -3.57 16.77 -44.06
CA SER B 411 -3.92 15.95 -42.91
C SER B 411 -3.31 14.55 -43.04
N LEU B 412 -3.08 13.92 -41.88
CA LEU B 412 -2.53 12.57 -41.80
C LEU B 412 -3.51 11.50 -42.21
N ALA B 413 -4.70 11.87 -42.70
CA ALA B 413 -5.69 10.88 -43.09
C ALA B 413 -5.19 10.01 -44.24
N GLN B 414 -4.31 10.56 -45.09
CA GLN B 414 -3.73 9.74 -46.15
C GLN B 414 -2.87 8.62 -45.58
N TYR B 415 -2.10 8.91 -44.53
CA TYR B 415 -1.28 7.88 -43.90
C TYR B 415 -2.14 6.85 -43.18
N ASN B 416 -3.12 7.31 -42.39
CA ASN B 416 -4.01 6.41 -41.67
C ASN B 416 -5.40 7.03 -41.60
N PRO B 417 -6.44 6.29 -41.98
CA PRO B 417 -7.80 6.85 -41.90
C PRO B 417 -8.21 7.26 -40.50
N LYS B 418 -7.76 6.54 -39.48
CA LYS B 418 -8.13 6.86 -38.10
C LYS B 418 -7.42 8.08 -37.55
N LEU B 419 -6.37 8.55 -38.21
CA LEU B 419 -5.65 9.77 -37.82
C LEU B 419 -6.19 10.92 -38.67
N ASP B 420 -6.88 11.86 -38.04
CA ASP B 420 -7.57 12.94 -38.74
C ASP B 420 -6.90 14.29 -38.59
N VAL B 421 -6.65 14.74 -37.37
CA VAL B 421 -6.17 16.10 -37.15
C VAL B 421 -4.69 16.19 -37.52
N LYS B 422 -4.36 17.18 -38.35
CA LYS B 422 -2.99 17.37 -38.81
C LYS B 422 -2.16 18.08 -37.75
N LEU B 423 -0.91 18.40 -38.10
CA LEU B 423 0.02 19.05 -37.19
C LEU B 423 -0.30 20.54 -37.17
N LEU B 424 -1.26 20.93 -36.31
CA LEU B 424 -1.74 22.30 -36.32
C LEU B 424 -0.79 23.25 -35.58
N TYR B 425 -0.60 23.02 -34.28
CA TYR B 425 0.13 23.97 -33.44
C TYR B 425 1.45 23.35 -32.98
N PRO B 426 2.58 23.68 -33.61
CA PRO B 426 3.85 23.10 -33.16
C PRO B 426 4.29 23.68 -31.83
N VAL B 427 4.81 22.82 -30.97
CA VAL B 427 5.43 23.25 -29.72
C VAL B 427 6.83 23.77 -30.06
N SER B 428 7.11 25.00 -29.69
CA SER B 428 8.34 25.68 -30.07
C SER B 428 9.19 25.96 -28.85
N LYS B 429 10.51 25.85 -29.01
CA LYS B 429 11.45 26.14 -27.94
C LYS B 429 11.96 27.57 -27.97
N TYR B 430 11.76 28.28 -29.08
CA TYR B 430 12.25 29.65 -29.18
C TYR B 430 11.43 30.60 -28.30
N GLN B 431 10.12 30.36 -28.22
CA GLN B 431 9.27 31.18 -27.36
C GLN B 431 9.66 31.01 -25.89
N GLN B 432 9.97 29.78 -25.48
CA GLN B 432 10.42 29.56 -24.12
C GLN B 432 11.77 30.21 -23.86
N ASP B 433 12.62 30.30 -24.88
CA ASP B 433 13.86 31.06 -24.75
C ASP B 433 13.58 32.53 -24.50
N GLN B 434 12.59 33.08 -25.20
CA GLN B 434 12.19 34.46 -24.97
C GLN B 434 11.61 34.64 -23.57
N VAL B 435 11.05 33.57 -22.99
CA VAL B 435 10.49 33.65 -21.64
C VAL B 435 11.58 33.92 -20.62
N VAL B 436 12.77 33.37 -20.83
CA VAL B 436 13.87 33.56 -19.88
C VAL B 436 14.42 34.97 -19.99
N LYS B 437 14.57 35.65 -18.86
CA LYS B 437 15.28 36.91 -18.82
C LYS B 437 16.78 36.68 -18.70
N GLU B 438 17.55 37.71 -19.01
CA GLU B 438 18.96 37.83 -18.64
C GLU B 438 19.79 36.65 -19.16
N ASP B 439 19.89 36.60 -20.49
CA ASP B 439 20.71 35.56 -21.13
C ASP B 439 22.17 35.64 -20.71
N ASN B 440 22.64 36.81 -20.25
CA ASN B 440 24.01 36.93 -19.78
C ASN B 440 24.22 36.10 -18.51
N ILE B 441 25.40 35.50 -18.40
CA ILE B 441 25.70 34.59 -17.30
C ILE B 441 25.78 35.31 -15.96
N GLU B 442 26.07 36.61 -15.97
CA GLU B 442 26.22 37.35 -14.71
C GLU B 442 24.94 37.33 -13.90
N ALA B 443 23.78 37.42 -14.56
CA ALA B 443 22.51 37.45 -13.85
C ALA B 443 21.85 36.09 -13.71
N VAL B 444 22.22 35.11 -14.53
CA VAL B 444 21.62 33.79 -14.42
C VAL B 444 21.96 33.14 -13.09
N GLY B 445 23.23 33.22 -12.67
CA GLY B 445 23.63 32.59 -11.43
C GLY B 445 22.98 33.22 -10.21
N LYS B 446 22.90 34.55 -10.18
CA LYS B 446 22.34 35.22 -9.01
C LYS B 446 20.82 35.09 -8.96
N LYS B 447 20.16 35.16 -10.11
CA LYS B 447 18.69 35.06 -10.13
C LYS B 447 18.23 33.66 -9.72
N LEU B 448 19.00 32.63 -10.08
CA LEU B 448 18.65 31.28 -9.69
C LEU B 448 18.65 31.11 -8.18
N HIS B 449 19.65 31.69 -7.50
CA HIS B 449 19.71 31.59 -6.04
C HIS B 449 18.53 32.31 -5.39
N GLU B 450 18.16 33.47 -5.92
CA GLU B 450 17.01 34.19 -5.38
C GLU B 450 15.72 33.40 -5.55
N TYR B 451 15.51 32.82 -6.74
CA TYR B 451 14.29 32.05 -6.97
C TYR B 451 14.26 30.79 -6.13
N ASN B 452 15.41 30.12 -5.97
CA ASN B 452 15.45 28.92 -5.16
C ASN B 452 15.17 29.24 -3.70
N THR B 453 15.68 30.36 -3.19
CA THR B 453 15.39 30.75 -1.82
C THR B 453 13.90 31.00 -1.63
N GLN B 454 13.26 31.68 -2.60
CA GLN B 454 11.82 31.89 -2.51
C GLN B 454 11.06 30.57 -2.60
N PHE B 455 11.48 29.69 -3.49
CA PHE B 455 10.81 28.40 -3.64
C PHE B 455 10.96 27.55 -2.37
N GLN B 456 12.15 27.53 -1.79
CA GLN B 456 12.37 26.73 -0.58
C GLN B 456 11.58 27.28 0.60
N GLU B 457 11.50 28.60 0.73
CA GLU B 457 10.72 29.19 1.81
C GLU B 457 9.23 28.89 1.65
N LYS B 458 8.71 29.05 0.43
CA LYS B 458 7.31 28.77 0.19
C LYS B 458 6.99 27.29 0.38
N SER B 459 7.89 26.41 -0.06
CA SER B 459 7.67 24.97 0.11
C SER B 459 7.63 24.60 1.59
N ARG B 460 8.51 25.22 2.39
CA ARG B 460 8.46 24.98 3.84
C ARG B 460 7.16 25.50 4.44
N GLU B 461 6.68 26.64 3.96
CA GLU B 461 5.42 27.18 4.46
C GLU B 461 4.26 26.26 4.14
N TYR B 462 4.23 25.72 2.92
CA TYR B 462 3.14 24.83 2.52
C TYR B 462 3.17 23.53 3.30
N ASP B 463 4.37 23.00 3.57
CA ASP B 463 4.47 21.76 4.34
C ASP B 463 4.03 21.98 5.78
N ARG B 464 4.24 23.19 6.32
CA ARG B 464 3.73 23.49 7.65
C ARG B 464 2.22 23.58 7.66
N LEU B 465 1.63 24.21 6.65
CA LEU B 465 0.17 24.32 6.58
C LEU B 465 -0.47 22.95 6.38
N TYR B 466 0.13 22.10 5.56
CA TYR B 466 -0.43 20.77 5.34
C TYR B 466 -0.41 19.94 6.62
N GLU B 467 0.67 20.04 7.39
CA GLU B 467 0.73 19.34 8.67
C GLU B 467 -0.34 19.86 9.63
N GLU B 468 -0.52 21.18 9.68
CA GLU B 468 -1.57 21.74 10.53
C GLU B 468 -2.95 21.32 10.04
N TYR B 469 -3.17 21.33 8.72
CA TYR B 469 -4.48 20.97 8.18
C TYR B 469 -4.81 19.51 8.48
N THR B 470 -3.82 18.63 8.42
CA THR B 470 -4.05 17.24 8.79
C THR B 470 -4.39 17.12 10.27
N ARG B 471 -3.73 17.91 11.13
CA ARG B 471 -4.01 17.84 12.56
C ARG B 471 -5.45 18.24 12.87
N THR B 472 -5.92 19.34 12.29
CA THR B 472 -7.28 19.78 12.54
C THR B 472 -8.29 18.79 11.98
N SER B 473 -7.92 18.03 10.95
CA SER B 473 -8.81 16.99 10.43
C SER B 473 -9.04 15.91 11.46
N GLN B 474 -8.02 15.57 12.25
CA GLN B 474 -8.17 14.54 13.27
C GLN B 474 -9.01 15.04 14.44
N GLU B 475 -8.93 16.33 14.75
CA GLU B 475 -9.66 16.86 15.89
C GLU B 475 -11.16 16.92 15.61
N ILE B 476 -11.54 17.42 14.44
CA ILE B 476 -12.96 17.52 14.11
C ILE B 476 -13.56 16.13 13.95
N GLN B 477 -12.80 15.18 13.40
CA GLN B 477 -13.27 13.80 13.32
C GLN B 477 -13.47 13.21 14.72
N MET B 478 -12.53 13.48 15.62
CA MET B 478 -12.68 13.02 17.00
C MET B 478 -13.84 13.73 17.70
N LYS B 479 -13.96 15.04 17.50
CA LYS B 479 -15.03 15.78 18.15
C LYS B 479 -16.41 15.40 17.60
N ARG B 480 -16.47 15.09 16.30
CA ARG B 480 -17.74 14.71 15.71
C ARG B 480 -18.26 13.40 16.28
N THR B 481 -17.37 12.43 16.49
CA THR B 481 -17.78 11.16 17.07
C THR B 481 -18.28 11.34 18.50
N ALA B 482 -17.59 12.18 19.28
CA ALA B 482 -18.04 12.45 20.65
C ALA B 482 -19.40 13.14 20.66
N ILE B 483 -19.73 13.88 19.60
CA ILE B 483 -21.07 14.45 19.48
C ILE B 483 -22.09 13.34 19.30
N GLU B 484 -21.76 12.32 18.50
CA GLU B 484 -22.68 11.21 18.28
C GLU B 484 -22.92 10.44 19.58
N ALA B 485 -21.89 10.27 20.39
CA ALA B 485 -22.06 9.57 21.67
C ALA B 485 -22.96 10.36 22.60
N PHE B 486 -22.81 11.69 22.65
CA PHE B 486 -23.66 12.49 23.51
C PHE B 486 -25.11 12.50 23.03
N ASN B 487 -25.33 12.34 21.72
CA ASN B 487 -26.69 12.21 21.22
C ASN B 487 -27.32 10.90 21.66
N GLU B 488 -26.53 9.82 21.70
CA GLU B 488 -27.08 8.52 22.08
C GLU B 488 -27.29 8.44 23.59
N THR B 489 -26.39 9.02 24.38
CA THR B 489 -26.55 9.03 25.83
C THR B 489 -27.82 9.77 26.22
N ILE B 490 -28.10 10.90 25.56
CA ILE B 490 -29.35 11.61 25.80
C ILE B 490 -30.53 10.72 25.48
N LYS B 491 -30.45 9.95 24.39
CA LYS B 491 -31.54 9.05 24.01
C LYS B 491 -31.78 8.01 25.08
N ILE B 492 -30.71 7.42 25.64
CA ILE B 492 -30.86 6.42 26.68
C ILE B 492 -31.48 7.03 27.93
N PHE B 493 -30.98 8.21 28.33
CA PHE B 493 -31.52 8.88 29.51
C PHE B 493 -32.96 9.31 29.28
N GLU B 494 -33.28 9.82 28.09
CA GLU B 494 -34.65 10.19 27.78
C GLU B 494 -35.56 8.96 27.78
N GLU B 495 -35.07 7.84 27.22
CA GLU B 495 -35.84 6.61 27.24
C GLU B 495 -36.06 6.12 28.67
N GLN B 496 -35.04 6.25 29.52
CA GLN B 496 -35.19 5.88 30.92
C GLN B 496 -36.21 6.79 31.62
N CYS B 497 -36.21 8.08 31.27
CA CYS B 497 -37.16 9.01 31.87
C CYS B 497 -38.59 8.66 31.48
N GLN B 498 -38.81 8.24 30.23
CA GLN B 498 -40.15 7.87 29.79
C GLN B 498 -40.69 6.68 30.57
N THR B 499 -39.80 5.79 31.03
CA THR B 499 -40.24 4.70 31.89
C THR B 499 -40.73 5.22 33.24
N GLN B 500 -40.08 6.26 33.76
CA GLN B 500 -40.51 6.85 35.02
C GLN B 500 -41.90 7.48 34.91
N GLU B 501 -42.19 8.14 33.78
CA GLU B 501 -43.50 8.72 33.59
C GLU B 501 -44.59 7.66 33.61
N ARG B 502 -44.33 6.50 33.01
CA ARG B 502 -45.28 5.40 33.07
C ARG B 502 -45.35 4.81 34.47
N TYR B 503 -44.21 4.69 35.15
CA TYR B 503 -44.17 4.04 36.45
C TYR B 503 -44.60 4.95 37.59
N SER B 504 -44.56 6.27 37.41
CA SER B 504 -44.96 7.18 38.47
C SER B 504 -46.47 7.34 38.59
N LYS B 505 -47.24 6.75 37.68
CA LYS B 505 -48.69 6.87 37.73
C LYS B 505 -49.26 6.24 39.01
N GLU B 506 -48.68 5.12 39.44
CA GLU B 506 -49.20 4.41 40.60
C GLU B 506 -49.01 5.20 41.90
N TYR B 507 -48.09 6.16 41.92
CA TYR B 507 -47.81 6.94 43.13
C TYR B 507 -48.50 8.30 43.14
N ILE B 508 -48.57 8.97 42.00
CA ILE B 508 -49.22 10.28 41.96
C ILE B 508 -50.71 10.17 42.24
N GLU B 509 -51.31 9.02 41.94
CA GLU B 509 -52.73 8.82 42.23
C GLU B 509 -53.01 8.75 43.73
N LYS B 510 -51.99 8.48 44.55
CA LYS B 510 -52.18 8.38 45.99
C LYS B 510 -51.89 9.71 46.67
N ARG B 522 -36.64 9.67 48.19
CA ARG B 522 -37.90 9.11 47.72
C ARG B 522 -38.05 9.29 46.21
N ILE B 523 -39.28 9.15 45.72
CA ILE B 523 -39.54 9.32 44.30
C ILE B 523 -39.27 10.76 43.86
N MET B 524 -39.71 11.73 44.67
CA MET B 524 -39.50 13.13 44.33
C MET B 524 -38.01 13.48 44.28
N HIS B 525 -37.24 13.00 45.26
CA HIS B 525 -35.80 13.23 45.25
C HIS B 525 -35.14 12.51 44.07
N ASN B 526 -35.59 11.29 43.77
CA ASN B 526 -35.02 10.55 42.65
C ASN B 526 -35.28 11.25 41.32
N TYR B 527 -36.50 11.75 41.14
CA TYR B 527 -36.85 12.39 39.87
C TYR B 527 -36.06 13.68 39.66
N ASP B 528 -35.83 14.45 40.73
CA ASP B 528 -35.08 15.68 40.60
C ASP B 528 -33.64 15.42 40.17
N LYS B 529 -33.02 14.37 40.72
CA LYS B 529 -31.65 14.04 40.34
C LYS B 529 -31.56 13.65 38.87
N LEU B 530 -32.52 12.86 38.38
CA LEU B 530 -32.51 12.46 36.98
C LEU B 530 -32.66 13.67 36.07
N LYS B 531 -33.56 14.59 36.42
CA LYS B 531 -33.72 15.81 35.63
C LYS B 531 -32.47 16.67 35.70
N SER B 532 -31.82 16.73 36.87
CA SER B 532 -30.61 17.51 37.01
C SER B 532 -29.48 16.94 36.16
N ARG B 533 -29.34 15.61 36.13
CA ARG B 533 -28.26 15.00 35.34
C ARG B 533 -28.48 15.20 33.85
N ILE B 534 -29.71 15.06 33.38
CA ILE B 534 -29.99 15.24 31.95
C ILE B 534 -29.74 16.68 31.54
N SER B 535 -30.16 17.64 32.37
CA SER B 535 -29.96 19.04 32.04
C SER B 535 -28.48 19.38 31.91
N GLU B 536 -27.65 18.86 32.82
CA GLU B 536 -26.22 19.09 32.73
C GLU B 536 -25.64 18.45 31.47
N ILE B 537 -26.09 17.24 31.14
CA ILE B 537 -25.60 16.57 29.93
C ILE B 537 -26.01 17.34 28.69
N ILE B 538 -27.24 17.87 28.68
CA ILE B 538 -27.68 18.69 27.56
C ILE B 538 -26.75 19.88 27.36
N ASP B 539 -26.35 20.53 28.46
CA ASP B 539 -25.40 21.63 28.38
C ASP B 539 -24.03 21.13 27.89
N SER B 540 -23.61 19.94 28.36
CA SER B 540 -22.32 19.41 27.95
C SER B 540 -22.27 19.11 26.46
N ARG B 541 -23.35 18.54 25.92
CA ARG B 541 -23.42 18.31 24.48
C ARG B 541 -23.48 19.62 23.71
N ARG B 542 -24.24 20.60 24.22
CA ARG B 542 -24.35 21.88 23.54
C ARG B 542 -23.00 22.59 23.49
N ARG B 543 -22.23 22.52 24.56
CA ARG B 543 -20.89 23.10 24.55
C ARG B 543 -19.99 22.37 23.55
N LEU B 544 -20.16 21.05 23.43
CA LEU B 544 -19.42 20.31 22.41
C LEU B 544 -19.84 20.72 21.01
N GLU B 545 -21.14 20.98 20.81
CA GLU B 545 -21.61 21.42 19.50
C GLU B 545 -21.01 22.77 19.12
N GLU B 546 -20.94 23.70 20.08
CA GLU B 546 -20.35 25.01 19.81
C GLU B 546 -18.86 24.89 19.52
N ASP B 547 -18.16 24.05 20.28
CA ASP B 547 -16.73 23.89 20.08
C ASP B 547 -16.41 23.30 18.71
N LEU B 548 -17.22 22.34 18.26
CA LEU B 548 -17.03 21.77 16.93
C LEU B 548 -17.24 22.83 15.86
N LYS B 549 -18.24 23.71 16.06
CA LYS B 549 -18.50 24.76 15.08
C LYS B 549 -17.30 25.69 14.93
N LYS B 550 -16.67 26.07 16.03
CA LYS B 550 -15.49 26.92 15.96
C LYS B 550 -14.33 26.18 15.31
N GLN B 551 -14.17 24.89 15.62
CA GLN B 551 -13.09 24.12 15.02
C GLN B 551 -13.32 23.89 13.53
N ALA B 552 -14.60 23.74 13.13
CA ALA B 552 -14.90 23.53 11.72
C ALA B 552 -14.54 24.76 10.89
N ALA B 553 -14.78 25.95 11.41
CA ALA B 553 -14.46 27.17 10.68
C ALA B 553 -12.96 27.30 10.46
N GLU B 554 -12.16 27.00 11.48
CA GLU B 554 -10.71 27.05 11.34
C GLU B 554 -10.22 25.99 10.36
N TYR B 555 -10.85 24.81 10.37
CA TYR B 555 -10.49 23.77 9.41
C TYR B 555 -10.78 24.23 7.98
N ARG B 556 -11.89 24.93 7.78
CA ARG B 556 -12.22 25.43 6.44
C ARG B 556 -11.30 26.58 6.04
N GLU B 557 -11.10 27.54 6.95
CA GLU B 557 -10.33 28.74 6.61
C GLU B 557 -8.90 28.40 6.22
N ILE B 558 -8.25 27.50 6.98
CA ILE B 558 -6.89 27.10 6.65
C ILE B 558 -6.86 26.31 5.35
N ASP B 559 -7.93 25.59 5.03
CA ASP B 559 -8.02 24.93 3.73
C ASP B 559 -8.14 25.96 2.61
N LYS B 560 -8.60 27.18 2.91
CA LYS B 560 -8.59 28.25 1.92
C LYS B 560 -7.19 28.77 1.69
N ARG B 561 -6.42 28.96 2.76
CA ARG B 561 -5.04 29.43 2.62
C ARG B 561 -4.17 28.39 1.92
N MET B 562 -4.37 27.11 2.24
CA MET B 562 -3.61 26.05 1.58
C MET B 562 -3.91 26.01 0.09
N ASN B 563 -5.18 26.21 -0.27
CA ASN B 563 -5.55 26.19 -1.69
C ASN B 563 -5.02 27.41 -2.44
N SER B 564 -4.85 28.53 -1.73
CA SER B 564 -4.33 29.74 -2.38
C SER B 564 -2.81 29.73 -2.51
N ILE B 565 -2.11 29.08 -1.58
CA ILE B 565 -0.64 29.04 -1.63
C ILE B 565 -0.18 28.18 -2.80
N LYS B 566 -0.89 27.09 -3.08
CA LYS B 566 -0.42 26.12 -4.07
C LYS B 566 -0.17 26.72 -5.45
N PRO B 567 -1.05 27.53 -6.04
CA PRO B 567 -0.73 28.09 -7.37
C PRO B 567 0.56 28.90 -7.40
N ASP B 568 0.86 29.64 -6.33
CA ASP B 568 2.11 30.38 -6.27
C ASP B 568 3.30 29.43 -6.20
N LEU B 569 3.15 28.31 -5.49
CA LEU B 569 4.21 27.30 -5.48
C LEU B 569 4.40 26.67 -6.85
N ILE B 570 3.33 26.62 -7.65
CA ILE B 570 3.44 26.05 -8.99
C ILE B 570 4.28 26.93 -9.90
N GLN B 571 4.01 28.25 -9.88
CA GLN B 571 4.73 29.15 -10.76
C GLN B 571 6.21 29.24 -10.39
N LEU B 572 6.51 29.29 -9.09
CA LEU B 572 7.90 29.39 -8.66
C LEU B 572 8.70 28.15 -9.05
N ARG B 573 8.06 26.98 -8.99
CA ARG B 573 8.75 25.74 -9.36
C ARG B 573 9.14 25.74 -10.83
N LYS B 574 8.26 26.25 -11.70
CA LYS B 574 8.56 26.27 -13.13
C LYS B 574 9.76 27.15 -13.43
N THR B 575 9.81 28.35 -12.86
CA THR B 575 10.88 29.28 -13.17
C THR B 575 12.20 28.81 -12.55
N ARG B 576 12.16 28.25 -11.35
CA ARG B 576 13.38 27.77 -10.72
C ARG B 576 14.01 26.64 -11.52
N ASP B 577 13.18 25.69 -11.99
CA ASP B 577 13.70 24.61 -12.80
C ASP B 577 14.14 25.10 -14.18
N GLN B 578 13.50 26.15 -14.68
CA GLN B 578 13.91 26.71 -15.98
C GLN B 578 15.32 27.26 -15.93
N TYR B 579 15.65 28.00 -14.87
CA TYR B 579 17.01 28.52 -14.72
C TYR B 579 18.00 27.38 -14.53
N LEU B 580 17.65 26.37 -13.73
CA LEU B 580 18.54 25.24 -13.53
C LEU B 580 18.75 24.47 -14.83
N MET B 581 17.70 24.32 -15.63
CA MET B 581 17.85 23.66 -16.93
C MET B 581 18.74 24.48 -17.86
N TRP B 582 18.64 25.80 -17.79
CA TRP B 582 19.48 26.65 -18.62
C TRP B 582 20.92 26.70 -18.12
N LEU B 583 21.11 26.60 -16.81
CA LEU B 583 22.45 26.68 -16.23
C LEU B 583 23.20 25.35 -16.28
N THR B 584 22.49 24.24 -16.30
CA THR B 584 23.14 22.93 -16.23
C THR B 584 23.89 22.56 -17.50
N GLN B 585 23.74 23.32 -18.58
CA GLN B 585 24.42 23.03 -19.84
C GLN B 585 25.69 23.88 -20.02
N LYS B 586 26.19 24.46 -18.94
CA LYS B 586 27.41 25.27 -18.98
C LYS B 586 28.66 24.48 -18.61
N GLY B 587 28.52 23.16 -18.36
CA GLY B 587 29.66 22.33 -18.04
C GLY B 587 29.67 21.76 -16.64
N VAL B 588 28.64 22.02 -15.84
CA VAL B 588 28.58 21.48 -14.49
C VAL B 588 28.12 20.02 -14.54
N ARG B 589 28.31 19.31 -13.44
CA ARG B 589 27.97 17.90 -13.33
C ARG B 589 26.79 17.71 -12.38
N GLN B 590 26.17 16.54 -12.47
CA GLN B 590 25.00 16.24 -11.63
C GLN B 590 25.37 16.14 -10.16
N LYS B 591 26.59 15.70 -9.85
CA LYS B 591 27.00 15.57 -8.45
C LYS B 591 26.96 16.90 -7.72
N LYS B 592 27.23 18.00 -8.43
CA LYS B 592 27.12 19.32 -7.82
C LYS B 592 25.69 19.62 -7.42
N LEU B 593 24.72 19.27 -8.28
CA LEU B 593 23.31 19.50 -7.96
C LEU B 593 22.86 18.64 -6.80
N ASN B 594 23.32 17.39 -6.74
CA ASN B 594 22.92 16.50 -5.65
C ASN B 594 23.40 17.02 -4.31
N GLU B 595 24.65 17.49 -4.25
CA GLU B 595 25.17 18.04 -3.00
C GLU B 595 24.47 19.36 -2.65
N TRP B 596 24.23 20.21 -3.65
CA TRP B 596 23.55 21.47 -3.40
C TRP B 596 22.12 21.25 -2.92
N LEU B 597 21.43 20.28 -3.52
CA LEU B 597 20.06 19.94 -3.10
C LEU B 597 20.07 18.82 -2.07
C02 L2V C . 17.16 -0.90 12.54
C03 L2V C . 17.08 -2.28 12.31
C05 L2V C . 18.64 -2.67 13.99
C06 L2V C . 18.75 -1.26 14.21
C07 L2V C . 19.42 -3.55 14.76
C08 L2V C . 20.29 -3.05 15.72
C09 L2V C . 20.41 -1.68 15.93
C10 L2V C . 19.65 -0.78 15.18
C11 L2V C . 21.37 -1.19 16.93
C12 L2V C . 22.19 -0.82 17.75
C13 L2V C . 23.17 -0.41 18.75
C14 L2V C . 23.64 0.90 18.75
C15 L2V C . 24.54 1.33 19.74
C16 L2V C . 24.99 0.42 20.70
C17 L2V C . 24.54 -0.90 20.68
C18 L2V C . 23.63 -1.31 19.71
C19 L2V C . 24.93 2.81 19.83
C20 L2V C . 23.69 3.74 19.95
C21 L2V C . 24.10 5.18 20.33
C24 L2V C . 24.00 5.97 17.94
C25 L2V C . 22.52 6.13 17.55
C27 L2V C . 21.43 2.98 20.69
C29 L2V C . 20.74 2.10 21.70
C30 L2V C . 21.10 0.76 21.83
C31 L2V C . 19.73 2.64 22.49
C32 L2V C . 19.06 1.86 23.42
C33 L2V C . 19.42 0.50 23.58
C34 L2V C . 20.45 -0.07 22.77
C36 L2V C . 19.18 -1.56 24.66
C37 L2V C . 18.47 -2.32 25.77
C38 L2V C . 20.17 -2.11 23.84
C40 L2V C . 20.61 -3.57 23.98
N01 L2V C . 17.99 -0.38 13.48
N04 L2V C . 17.80 -3.17 13.03
N23 L2V C . 24.23 6.11 19.38
N26 L2V C . 22.73 3.16 20.90
N35 L2V C . 18.79 -0.26 24.52
N39 L2V C . 20.81 -1.38 22.89
O22 L2V C . 24.32 5.44 21.52
O28 L2V C . 20.81 3.43 19.72
#